data_7ZM5
#
_entry.id   7ZM5
#
_cell.length_a   80.200
_cell.length_b   83.930
_cell.length_c   122.120
_cell.angle_alpha   90.000
_cell.angle_beta   90.000
_cell.angle_gamma   90.000
#
_symmetry.space_group_name_H-M   'P 21 21 21'
#
loop_
_entity.id
_entity.type
_entity.pdbx_description
1 polymer 'Attachment glycoprotein'
2 non-polymer 2-acetamido-2-deoxy-beta-D-glucopyranose
3 water water
#
_entity_poly.entity_id   1
_entity_poly.type   'polypeptide(L)'
_entity_poly.pdbx_seq_one_letter_code
;MVDPPAVSYYTGTGRNDRVKVVTTQSTNPYWAHNPNQGLRRLIDMVVNVIMVTGVIFALINIILGIVIISQSAGSRQDTS
KSLDIIQHVDSSVAITKQIVMENLEPKIRSILDSVSFQIPKLLSSLLGPGKTDPPIALPTKASTPVIPTEYPSLNTTTCL
RIEESVTQNAAALFNISFDLKTVMYELVTRTGGCVTLPSYSELYTRVRTFSTAIRNPKTCQRAGQETDLNLIPAFIGTDT
GILINSCVRQPVIATGDGIYALTYLTMRGTCQDHRHAVRHFEIGLVRRDAWWDPVLTPIHHFTEPGTPVFDGCSLTVQNQ
TALALCTLTTDGPETDIHNGASLGLALVHFNIRGEFSKHKVDPRNIDTQNQGLHLVTTAGKSAVKKGILYSFGYMVTRSP
EPGDSKCVTEECNQNNQEKCNAYSKTTLDPDKPRSMIIFQIDVGAEYFTVDKVVVVPRTQYYQLTSGDLFYTGEENDLLY
QLHNKGWYNKPIRGRVTFDGQVTLHEHSRTYDSLSNQRACNPRLGCPSTCELTSMASYFPLDKDFKAAVGVIALRNGMTP
IITYSTDDWRNHWKYIKNADLEFSESSLSCYSPNPPLDDYVLCTAVITAKVMSNTNPQLLATSWYQYDKCHT
;
_entity_poly.pdbx_strand_id   A,B
#
loop_
_chem_comp.id
_chem_comp.type
_chem_comp.name
_chem_comp.formula
NAG D-saccharide, beta linking 2-acetamido-2-deoxy-beta-D-glucopyranose 'C8 H15 N O6'
#
# COMPACT_ATOMS: atom_id res chain seq x y z
N LEU A 203 1.48 24.95 -3.54
CA LEU A 203 1.13 23.96 -4.56
C LEU A 203 2.24 22.92 -4.64
N TYR A 204 2.14 21.98 -5.58
CA TYR A 204 3.17 20.97 -5.75
C TYR A 204 4.17 21.41 -6.82
N THR A 205 5.45 21.33 -6.48
CA THR A 205 6.51 21.49 -7.46
C THR A 205 6.53 20.29 -8.40
N ARG A 206 6.66 20.54 -9.69
CA ARG A 206 6.63 19.41 -10.60
C ARG A 206 8.06 19.00 -10.94
N VAL A 207 8.29 17.69 -10.99
CA VAL A 207 9.51 17.10 -11.52
C VAL A 207 9.20 16.66 -12.94
N ARG A 208 9.78 17.32 -13.93
CA ARG A 208 9.39 17.03 -15.31
C ARG A 208 9.95 15.70 -15.79
N THR A 209 9.10 14.94 -16.48
CA THR A 209 9.42 13.63 -17.01
C THR A 209 8.71 13.44 -18.34
N PHE A 210 9.21 12.50 -19.14
CA PHE A 210 8.54 12.08 -20.36
C PHE A 210 8.82 10.61 -20.60
N SER A 211 7.97 9.99 -21.41
CA SER A 211 8.10 8.57 -21.69
C SER A 211 9.36 8.29 -22.52
N THR A 212 10.05 7.19 -22.18
CA THR A 212 11.20 6.79 -23.00
C THR A 212 10.78 6.36 -24.40
N ALA A 213 9.50 6.02 -24.59
CA ALA A 213 9.03 5.50 -25.88
C ALA A 213 8.91 6.57 -26.96
N ILE A 214 9.00 7.85 -26.61
CA ILE A 214 8.92 8.91 -27.62
C ILE A 214 10.29 9.28 -28.19
N ARG A 215 11.36 8.71 -27.65
CA ARG A 215 12.72 9.08 -28.04
C ARG A 215 13.16 8.40 -29.34
N ASN A 216 14.08 9.06 -30.03
CA ASN A 216 14.74 8.40 -31.16
C ASN A 216 15.58 7.23 -30.65
N PRO A 217 15.69 6.16 -31.42
CA PRO A 217 16.54 5.03 -31.02
C PRO A 217 18.01 5.39 -30.96
N LYS A 218 18.72 4.81 -29.99
CA LYS A 218 20.17 4.89 -29.96
C LYS A 218 20.74 3.86 -30.95
N THR A 219 21.69 4.28 -31.77
CA THR A 219 22.35 3.38 -32.70
C THR A 219 23.63 2.77 -32.14
N CYS A 220 24.18 3.38 -31.09
CA CYS A 220 25.39 2.89 -30.47
C CYS A 220 25.13 1.54 -29.84
N GLN A 221 26.20 0.80 -29.55
CA GLN A 221 26.00 -0.43 -28.82
C GLN A 221 25.61 -0.06 -27.40
N ARG A 222 24.53 -0.66 -26.91
CA ARG A 222 24.11 -0.41 -25.55
C ARG A 222 24.87 -1.38 -24.67
N ALA A 223 25.50 -0.84 -23.64
CA ALA A 223 26.36 -1.65 -22.79
C ALA A 223 25.52 -2.32 -21.72
N GLY A 224 25.92 -3.54 -21.36
CA GLY A 224 25.38 -4.14 -20.17
C GLY A 224 25.95 -3.45 -18.94
N GLN A 225 25.11 -3.30 -17.93
CA GLN A 225 25.50 -2.64 -16.69
C GLN A 225 26.32 -3.64 -15.86
N GLU A 226 27.54 -3.26 -15.48
CA GLU A 226 28.34 -4.20 -14.70
C GLU A 226 27.90 -4.22 -13.25
N THR A 227 27.54 -3.06 -12.71
CA THR A 227 27.13 -3.02 -11.31
C THR A 227 25.69 -3.51 -11.20
N ASP A 228 25.31 -3.89 -9.99
CA ASP A 228 23.96 -4.39 -9.76
C ASP A 228 22.95 -3.24 -9.77
N LEU A 229 21.68 -3.62 -9.81
CA LEU A 229 20.60 -2.67 -10.00
C LEU A 229 20.44 -1.75 -8.80
N ASN A 230 20.22 -0.46 -9.06
CA ASN A 230 19.85 0.48 -8.00
C ASN A 230 18.34 0.54 -7.96
N LEU A 231 17.75 -0.29 -7.09
CA LEU A 231 16.32 -0.32 -6.87
C LEU A 231 15.95 0.75 -5.86
N ILE A 232 14.88 1.49 -6.15
CA ILE A 232 14.49 2.60 -5.28
C ILE A 232 13.00 2.47 -4.98
N PRO A 233 12.54 3.13 -3.90
CA PRO A 233 11.14 2.95 -3.49
C PRO A 233 10.13 3.39 -4.52
N ALA A 234 9.10 2.57 -4.68
CA ALA A 234 7.87 2.92 -5.36
C ALA A 234 6.73 2.69 -4.38
N PHE A 235 6.60 3.61 -3.41
CA PHE A 235 5.65 3.40 -2.32
C PHE A 235 4.29 3.91 -2.78
N ILE A 236 3.64 3.10 -3.63
CA ILE A 236 2.40 3.41 -4.32
C ILE A 236 1.40 2.29 -4.06
N GLY A 237 0.18 2.48 -4.56
CA GLY A 237 -0.86 1.50 -4.28
C GLY A 237 -1.18 1.52 -2.78
N THR A 238 -1.74 0.41 -2.33
CA THR A 238 -2.13 0.24 -0.92
C THR A 238 -1.66 -1.12 -0.43
N ASP A 239 -1.80 -1.35 0.88
CA ASP A 239 -1.91 -2.74 1.34
C ASP A 239 -2.98 -3.42 0.50
N THR A 240 -2.72 -4.64 0.06
CA THR A 240 -3.73 -5.38 -0.70
C THR A 240 -3.96 -6.75 -0.08
N GLY A 241 -3.95 -6.82 1.25
CA GLY A 241 -4.39 -8.03 1.91
C GLY A 241 -3.43 -9.18 1.92
N ILE A 242 -2.12 -8.91 2.00
CA ILE A 242 -1.17 -9.99 2.20
C ILE A 242 -1.56 -10.85 3.39
N LEU A 243 -2.05 -10.21 4.47
CA LEU A 243 -2.40 -10.99 5.65
C LEU A 243 -3.63 -11.89 5.45
N ILE A 244 -4.49 -11.60 4.48
CA ILE A 244 -5.75 -12.32 4.33
C ILE A 244 -5.88 -12.97 2.96
N ASN A 245 -4.79 -13.07 2.20
CA ASN A 245 -4.75 -13.77 0.91
C ASN A 245 -5.81 -13.22 -0.05
N SER A 246 -5.93 -11.89 -0.10
CA SER A 246 -6.79 -11.30 -1.11
C SER A 246 -6.13 -11.46 -2.49
N CYS A 247 -6.93 -11.27 -3.53
CA CYS A 247 -6.47 -11.40 -4.92
C CYS A 247 -6.49 -10.03 -5.61
N VAL A 248 -5.36 -9.66 -6.20
CA VAL A 248 -5.25 -8.43 -6.99
C VAL A 248 -5.12 -8.85 -8.44
N ARG A 249 -5.92 -8.22 -9.30
CA ARG A 249 -5.91 -8.52 -10.73
C ARG A 249 -5.83 -7.23 -11.55
N GLN A 250 -5.44 -7.39 -12.82
CA GLN A 250 -5.49 -6.34 -13.83
C GLN A 250 -4.73 -5.06 -13.44
N PRO A 251 -3.51 -5.15 -12.92
CA PRO A 251 -2.77 -3.91 -12.61
C PRO A 251 -2.35 -3.20 -13.88
N VAL A 252 -2.49 -1.87 -13.90
CA VAL A 252 -1.97 -1.04 -14.99
C VAL A 252 -1.35 0.20 -14.37
N ILE A 253 -0.11 0.50 -14.73
CA ILE A 253 0.54 1.75 -14.33
C ILE A 253 0.77 2.57 -15.60
N ALA A 254 0.72 3.89 -15.47
CA ALA A 254 0.98 4.80 -16.59
C ALA A 254 1.64 6.05 -16.03
N THR A 255 2.56 6.64 -16.79
CA THR A 255 3.17 7.87 -16.32
C THR A 255 2.98 8.97 -17.35
N GLY A 256 3.00 10.21 -16.86
CA GLY A 256 2.98 11.38 -17.71
C GLY A 256 4.13 12.31 -17.36
N ASP A 257 3.85 13.60 -17.26
CA ASP A 257 4.87 14.62 -17.03
C ASP A 257 4.84 14.94 -15.55
N GLY A 258 5.67 14.24 -14.78
CA GLY A 258 5.69 14.42 -13.34
C GLY A 258 4.53 13.78 -12.60
N ILE A 259 3.75 12.93 -13.26
CA ILE A 259 2.52 12.36 -12.72
C ILE A 259 2.53 10.88 -13.06
N TYR A 260 1.96 10.06 -12.19
CA TYR A 260 1.65 8.69 -12.56
C TYR A 260 0.22 8.40 -12.17
N ALA A 261 -0.32 7.33 -12.75
CA ALA A 261 -1.61 6.81 -12.33
C ALA A 261 -1.52 5.29 -12.25
N LEU A 262 -2.40 4.71 -11.43
CA LEU A 262 -2.37 3.29 -11.18
C LEU A 262 -3.80 2.79 -11.03
N THR A 263 -4.10 1.60 -11.55
CA THR A 263 -5.40 0.98 -11.34
C THR A 263 -5.20 -0.52 -11.15
N TYR A 264 -6.14 -1.11 -10.40
CA TYR A 264 -6.16 -2.57 -10.19
C TYR A 264 -7.51 -2.95 -9.61
N LEU A 265 -7.75 -4.26 -9.60
CA LEU A 265 -9.00 -4.83 -9.12
C LEU A 265 -8.69 -5.77 -7.96
N THR A 266 -9.44 -5.66 -6.86
CA THR A 266 -9.20 -6.50 -5.69
C THR A 266 -10.43 -7.32 -5.36
N MET A 267 -10.19 -8.51 -4.81
CA MET A 267 -11.24 -9.42 -4.40
C MET A 267 -10.82 -10.14 -3.12
N ARG A 268 -11.78 -10.46 -2.27
CA ARG A 268 -11.48 -11.27 -1.10
C ARG A 268 -11.35 -12.74 -1.46
N GLY A 269 -10.30 -13.38 -0.94
CA GLY A 269 -10.26 -14.82 -0.86
C GLY A 269 -10.02 -15.62 -2.13
N THR A 270 -10.52 -15.14 -3.26
CA THR A 270 -10.44 -15.85 -4.52
C THR A 270 -10.20 -14.84 -5.62
N CYS A 271 -9.77 -15.32 -6.79
CA CYS A 271 -9.67 -14.46 -7.95
C CYS A 271 -10.90 -14.52 -8.86
N GLN A 272 -11.94 -15.28 -8.49
CA GLN A 272 -13.13 -15.45 -9.33
C GLN A 272 -14.41 -14.97 -8.67
N ASP A 273 -14.41 -13.75 -8.15
CA ASP A 273 -15.56 -13.13 -7.47
C ASP A 273 -15.67 -11.68 -7.97
N HIS A 274 -15.92 -11.53 -9.27
CA HIS A 274 -16.17 -10.20 -9.83
C HIS A 274 -17.33 -9.50 -9.12
N ARG A 275 -18.36 -10.27 -8.75
CA ARG A 275 -19.56 -9.65 -8.18
C ARG A 275 -19.24 -8.82 -6.94
N HIS A 276 -18.21 -9.20 -6.19
CA HIS A 276 -17.85 -8.49 -4.96
C HIS A 276 -16.48 -7.83 -5.05
N ALA A 277 -15.99 -7.61 -6.26
CA ALA A 277 -14.69 -6.99 -6.45
C ALA A 277 -14.76 -5.49 -6.18
N VAL A 278 -13.58 -4.88 -6.06
CA VAL A 278 -13.44 -3.45 -5.87
C VAL A 278 -12.41 -2.93 -6.87
N ARG A 279 -12.78 -1.91 -7.62
CA ARG A 279 -11.88 -1.25 -8.55
C ARG A 279 -11.17 -0.11 -7.84
N HIS A 280 -9.85 -0.11 -7.89
CA HIS A 280 -9.02 0.95 -7.30
C HIS A 280 -8.45 1.85 -8.40
N PHE A 281 -8.46 3.15 -8.16
CA PHE A 281 -7.82 4.13 -9.03
C PHE A 281 -6.91 5.00 -8.18
N GLU A 282 -5.80 5.43 -8.74
CA GLU A 282 -4.86 6.24 -7.96
C GLU A 282 -4.11 7.18 -8.88
N ILE A 283 -3.86 8.39 -8.41
CA ILE A 283 -3.03 9.35 -9.13
C ILE A 283 -2.00 9.91 -8.15
N GLY A 284 -0.79 10.14 -8.65
CA GLY A 284 0.24 10.67 -7.80
C GLY A 284 1.31 11.38 -8.60
N LEU A 285 2.39 11.72 -7.91
CA LEU A 285 3.40 12.61 -8.43
C LEU A 285 4.76 11.95 -8.44
N VAL A 286 5.63 12.49 -9.28
CA VAL A 286 7.06 12.25 -9.18
C VAL A 286 7.60 13.31 -8.24
N ARG A 287 8.23 12.88 -7.15
CA ARG A 287 8.78 13.79 -6.13
C ARG A 287 10.18 13.37 -5.75
N ARG A 288 11.02 14.36 -5.45
CA ARG A 288 12.36 14.10 -4.95
C ARG A 288 12.29 13.64 -3.49
N ASP A 289 12.95 12.52 -3.19
CA ASP A 289 12.98 12.04 -1.80
C ASP A 289 14.26 12.56 -1.13
N ALA A 290 14.58 12.03 0.05
CA ALA A 290 15.73 12.55 0.79
C ALA A 290 17.06 12.15 0.19
N TRP A 291 17.07 11.26 -0.82
CA TRP A 291 18.27 10.99 -1.60
C TRP A 291 18.32 11.80 -2.88
N TRP A 292 17.33 12.68 -3.08
CA TRP A 292 17.14 13.46 -4.30
C TRP A 292 16.83 12.59 -5.51
N ASP A 293 16.35 11.36 -5.26
CA ASP A 293 15.86 10.52 -6.35
C ASP A 293 14.41 10.89 -6.69
N PRO A 294 14.04 10.84 -7.97
CA PRO A 294 12.63 11.04 -8.35
C PRO A 294 11.85 9.75 -8.18
N VAL A 295 10.94 9.76 -7.20
CA VAL A 295 10.16 8.58 -6.89
C VAL A 295 8.69 8.90 -7.02
N LEU A 296 7.89 7.86 -7.23
CA LEU A 296 6.46 7.98 -7.35
C LEU A 296 5.83 7.95 -5.96
N THR A 297 4.85 8.83 -5.76
CA THR A 297 4.13 8.83 -4.48
C THR A 297 2.67 9.21 -4.71
N PRO A 298 1.72 8.50 -4.13
CA PRO A 298 0.31 8.80 -4.40
C PRO A 298 -0.15 10.07 -3.70
N ILE A 299 -1.06 10.81 -4.37
CA ILE A 299 -1.68 11.94 -3.68
C ILE A 299 -3.19 11.73 -3.52
N HIS A 300 -3.84 11.04 -4.47
CA HIS A 300 -5.26 10.75 -4.31
C HIS A 300 -5.56 9.32 -4.71
N HIS A 301 -6.48 8.70 -3.97
CA HIS A 301 -6.90 7.33 -4.23
C HIS A 301 -8.42 7.29 -4.24
N PHE A 302 -8.96 6.37 -5.05
CA PHE A 302 -10.39 6.25 -5.24
C PHE A 302 -10.76 4.77 -5.31
N THR A 303 -11.91 4.40 -4.74
CA THR A 303 -12.39 3.03 -4.92
C THR A 303 -13.83 3.01 -5.39
N GLU A 304 -14.14 2.04 -6.24
CA GLU A 304 -15.49 1.81 -6.75
C GLU A 304 -15.82 0.34 -6.54
N PRO A 305 -16.55 0.00 -5.49
CA PRO A 305 -16.92 -1.40 -5.28
C PRO A 305 -18.02 -1.81 -6.23
N GLY A 306 -18.08 -3.11 -6.51
CA GLY A 306 -19.23 -3.66 -7.21
C GLY A 306 -20.49 -3.54 -6.36
N THR A 307 -21.65 -3.83 -6.95
CA THR A 307 -21.81 -4.34 -8.30
C THR A 307 -22.83 -3.44 -9.02
N PRO A 308 -22.63 -3.17 -10.33
CA PRO A 308 -21.59 -3.65 -11.23
C PRO A 308 -20.22 -3.08 -10.95
N VAL A 309 -19.19 -3.76 -11.44
CA VAL A 309 -17.83 -3.33 -11.15
C VAL A 309 -17.18 -2.94 -12.47
N PHE A 310 -16.16 -2.10 -12.36
CA PHE A 310 -15.33 -1.68 -13.48
C PHE A 310 -14.31 -2.76 -13.77
N ASP A 311 -14.44 -3.44 -14.92
CA ASP A 311 -13.56 -4.53 -15.29
C ASP A 311 -12.71 -4.16 -16.49
N GLY A 312 -11.51 -4.73 -16.54
CA GLY A 312 -10.66 -4.62 -17.72
C GLY A 312 -10.30 -3.20 -18.08
N CYS A 313 -10.04 -2.37 -17.07
CA CYS A 313 -9.75 -0.97 -17.32
C CYS A 313 -8.41 -0.81 -18.02
N SER A 314 -8.37 -0.01 -19.07
CA SER A 314 -7.12 0.54 -19.59
C SER A 314 -6.80 1.83 -18.84
N LEU A 315 -5.55 2.29 -19.01
CA LEU A 315 -5.15 3.48 -18.26
C LEU A 315 -4.09 4.25 -19.03
N THR A 316 -4.22 5.57 -19.03
CA THR A 316 -3.21 6.48 -19.56
C THR A 316 -3.28 7.79 -18.80
N VAL A 317 -2.22 8.57 -18.90
CA VAL A 317 -2.13 9.89 -18.28
C VAL A 317 -2.00 10.92 -19.39
N GLN A 318 -2.93 11.88 -19.41
CA GLN A 318 -2.94 12.96 -20.39
C GLN A 318 -2.90 14.27 -19.62
N ASN A 319 -1.77 14.98 -19.70
CA ASN A 319 -1.57 16.26 -19.00
C ASN A 319 -1.72 16.03 -17.51
N GLN A 320 -2.72 16.62 -16.84
CA GLN A 320 -2.86 16.41 -15.40
C GLN A 320 -3.96 15.41 -15.05
N THR A 321 -4.45 14.67 -16.04
CA THR A 321 -5.64 13.85 -15.88
C THR A 321 -5.35 12.41 -16.30
N ALA A 322 -5.74 11.47 -15.46
CA ALA A 322 -5.70 10.06 -15.82
C ALA A 322 -7.00 9.68 -16.53
N LEU A 323 -6.90 8.82 -17.55
CA LEU A 323 -8.07 8.34 -18.29
C LEU A 323 -8.13 6.82 -18.25
N ALA A 324 -9.27 6.29 -17.85
CA ALA A 324 -9.50 4.84 -17.85
C ALA A 324 -10.77 4.55 -18.64
N LEU A 325 -10.70 3.57 -19.56
CA LEU A 325 -11.89 3.06 -20.24
C LEU A 325 -12.15 1.65 -19.72
N CYS A 326 -13.36 1.42 -19.19
CA CYS A 326 -13.66 0.21 -18.45
C CYS A 326 -14.97 -0.41 -18.94
N THR A 327 -15.15 -1.68 -18.59
CA THR A 327 -16.37 -2.44 -18.88
C THR A 327 -17.17 -2.63 -17.61
N LEU A 328 -18.46 -2.33 -17.68
CA LEU A 328 -19.35 -2.50 -16.53
C LEU A 328 -19.93 -3.91 -16.55
N THR A 329 -19.72 -4.67 -15.47
CA THR A 329 -20.05 -6.09 -15.46
C THR A 329 -20.51 -6.52 -14.07
N THR A 330 -21.29 -7.60 -14.04
CA THR A 330 -21.73 -8.20 -12.78
C THR A 330 -20.77 -9.32 -12.34
N ASP A 331 -20.65 -10.37 -13.15
CA ASP A 331 -19.84 -11.53 -12.83
C ASP A 331 -18.58 -11.63 -13.69
N GLY A 332 -18.21 -10.56 -14.38
CA GLY A 332 -17.14 -10.63 -15.35
C GLY A 332 -17.75 -10.77 -16.73
N PRO A 333 -17.09 -10.20 -17.74
CA PRO A 333 -17.71 -10.12 -19.07
C PRO A 333 -18.08 -11.47 -19.66
N GLU A 334 -17.20 -12.46 -19.56
CA GLU A 334 -17.51 -13.74 -20.20
C GLU A 334 -18.68 -14.42 -19.51
N THR A 335 -18.73 -14.37 -18.19
CA THR A 335 -19.85 -14.98 -17.49
C THR A 335 -21.14 -14.23 -17.77
N ASP A 336 -21.10 -12.89 -17.80
CA ASP A 336 -22.30 -12.12 -18.11
C ASP A 336 -22.83 -12.48 -19.49
N ILE A 337 -21.94 -12.50 -20.49
CA ILE A 337 -22.38 -12.81 -21.84
C ILE A 337 -23.00 -14.19 -21.89
N HIS A 338 -22.36 -15.16 -21.23
CA HIS A 338 -22.93 -16.51 -21.18
C HIS A 338 -24.30 -16.52 -20.52
N ASN A 339 -24.48 -15.70 -19.48
CA ASN A 339 -25.75 -15.67 -18.77
C ASN A 339 -26.82 -14.85 -19.47
N GLY A 340 -26.52 -14.26 -20.63
CA GLY A 340 -27.51 -13.44 -21.30
C GLY A 340 -27.67 -12.05 -20.74
N ALA A 341 -26.70 -11.58 -19.96
CA ALA A 341 -26.71 -10.21 -19.49
C ALA A 341 -26.00 -9.32 -20.50
N SER A 342 -26.29 -8.04 -20.41
CA SER A 342 -25.65 -7.04 -21.25
C SER A 342 -24.50 -6.42 -20.48
N LEU A 343 -23.63 -5.73 -21.20
CA LEU A 343 -22.50 -5.04 -20.60
C LEU A 343 -22.59 -3.54 -20.87
N GLY A 344 -21.99 -2.76 -19.98
CA GLY A 344 -21.83 -1.34 -20.18
C GLY A 344 -20.36 -0.98 -20.41
N LEU A 345 -20.14 0.29 -20.74
CA LEU A 345 -18.80 0.86 -20.82
C LEU A 345 -18.76 2.14 -20.01
N ALA A 346 -17.57 2.50 -19.54
CA ALA A 346 -17.44 3.72 -18.77
C ALA A 346 -16.09 4.35 -19.07
N LEU A 347 -16.08 5.67 -19.19
CA LEU A 347 -14.87 6.47 -19.24
C LEU A 347 -14.72 7.14 -17.88
N VAL A 348 -13.60 6.88 -17.20
CA VAL A 348 -13.32 7.40 -15.88
C VAL A 348 -12.13 8.33 -16.00
N HIS A 349 -12.25 9.54 -15.46
CA HIS A 349 -11.06 10.37 -15.35
C HIS A 349 -10.94 10.97 -13.96
N PHE A 350 -9.69 11.20 -13.57
CA PHE A 350 -9.38 11.79 -12.29
C PHE A 350 -8.07 12.56 -12.41
N ASN A 351 -7.96 13.67 -11.69
CA ASN A 351 -6.83 14.57 -11.91
C ASN A 351 -6.06 14.82 -10.62
N ILE A 352 -4.96 15.58 -10.75
CA ILE A 352 -4.10 15.77 -9.59
C ILE A 352 -4.73 16.70 -8.57
N ARG A 353 -5.81 17.40 -8.92
CA ARG A 353 -6.56 18.17 -7.94
C ARG A 353 -7.48 17.31 -7.09
N GLY A 354 -7.65 16.05 -7.43
CA GLY A 354 -8.49 15.16 -6.69
C GLY A 354 -9.89 15.04 -7.23
N GLU A 355 -10.17 15.67 -8.38
CA GLU A 355 -11.48 15.55 -9.01
C GLU A 355 -11.62 14.19 -9.68
N PHE A 356 -12.83 13.64 -9.62
CA PHE A 356 -13.10 12.31 -10.13
C PHE A 356 -14.42 12.32 -10.87
N SER A 357 -14.42 11.73 -12.07
CA SER A 357 -15.62 11.63 -12.89
C SER A 357 -15.72 10.24 -13.47
N LYS A 358 -16.94 9.71 -13.54
CA LYS A 358 -17.21 8.51 -14.29
C LYS A 358 -18.39 8.78 -15.20
N HIS A 359 -18.26 8.40 -16.47
CA HIS A 359 -19.29 8.65 -17.47
C HIS A 359 -19.60 7.35 -18.20
N LYS A 360 -20.85 6.94 -18.16
CA LYS A 360 -21.27 5.79 -18.96
C LYS A 360 -21.14 6.10 -20.44
N VAL A 361 -20.64 5.13 -21.18
CA VAL A 361 -20.54 5.19 -22.65
C VAL A 361 -21.43 4.08 -23.20
N ASP A 362 -22.45 4.47 -23.95
CA ASP A 362 -23.38 3.49 -24.52
C ASP A 362 -22.65 2.72 -25.62
N PRO A 363 -22.32 1.44 -25.40
CA PRO A 363 -21.59 0.68 -26.43
C PRO A 363 -22.37 0.48 -27.70
N ARG A 364 -23.70 0.60 -27.66
CA ARG A 364 -24.49 0.45 -28.88
C ARG A 364 -24.30 1.60 -29.85
N ASN A 365 -23.87 2.76 -29.37
CA ASN A 365 -23.63 3.92 -30.23
C ASN A 365 -22.20 4.01 -30.72
N ILE A 366 -21.36 3.01 -30.45
CA ILE A 366 -19.99 2.95 -30.96
C ILE A 366 -20.02 2.23 -32.30
N ASP A 367 -19.41 2.83 -33.31
CA ASP A 367 -19.43 2.27 -34.65
C ASP A 367 -18.67 0.95 -34.68
N THR A 368 -19.39 -0.12 -34.99
CA THR A 368 -18.80 -1.45 -35.18
C THR A 368 -19.11 -2.00 -36.57
N GLN A 369 -19.49 -1.13 -37.50
CA GLN A 369 -19.97 -1.55 -38.82
C GLN A 369 -21.09 -2.58 -38.68
N ASN A 370 -21.89 -2.39 -37.63
CA ASN A 370 -23.05 -3.23 -37.32
C ASN A 370 -22.68 -4.69 -37.09
N GLN A 371 -21.44 -4.96 -36.66
CA GLN A 371 -21.05 -6.33 -36.37
C GLN A 371 -21.00 -6.63 -34.88
N GLY A 372 -20.90 -5.60 -34.05
CA GLY A 372 -20.71 -5.81 -32.62
C GLY A 372 -22.00 -6.16 -31.90
N LEU A 373 -21.96 -7.22 -31.10
CA LEU A 373 -23.02 -7.57 -30.16
C LEU A 373 -22.68 -7.26 -28.72
N HIS A 374 -21.39 -7.39 -28.36
CA HIS A 374 -20.86 -7.03 -27.06
C HIS A 374 -19.47 -6.44 -27.27
N LEU A 375 -19.15 -5.42 -26.49
CA LEU A 375 -17.84 -4.77 -26.51
C LEU A 375 -17.22 -4.90 -25.13
N VAL A 376 -15.97 -5.36 -25.07
CA VAL A 376 -15.29 -5.60 -23.80
C VAL A 376 -13.91 -4.97 -23.84
N THR A 377 -13.61 -4.14 -22.84
CA THR A 377 -12.26 -3.66 -22.65
C THR A 377 -11.43 -4.67 -21.87
N THR A 378 -10.13 -4.71 -22.16
CA THR A 378 -9.21 -5.56 -21.43
C THR A 378 -8.09 -4.71 -20.83
N ALA A 379 -7.56 -5.17 -19.70
CA ALA A 379 -6.63 -4.36 -18.92
C ALA A 379 -5.28 -4.19 -19.61
N GLY A 380 -4.81 -2.95 -19.67
CA GLY A 380 -3.49 -2.66 -20.21
C GLY A 380 -3.38 -1.18 -20.46
N LYS A 381 -2.21 -0.78 -20.97
CA LYS A 381 -1.98 0.62 -21.29
C LYS A 381 -2.76 1.04 -22.52
N SER A 382 -3.38 2.22 -22.45
CA SER A 382 -3.98 2.88 -23.59
C SER A 382 -3.07 4.01 -24.06
N ALA A 383 -3.45 4.65 -25.17
CA ALA A 383 -2.68 5.78 -25.69
C ALA A 383 -3.63 6.79 -26.32
N VAL A 384 -3.28 8.07 -26.21
CA VAL A 384 -4.05 9.14 -26.84
C VAL A 384 -3.18 9.79 -27.89
N LYS A 385 -3.66 9.82 -29.14
CA LYS A 385 -3.01 10.54 -30.23
C LYS A 385 -4.02 11.47 -30.86
N LYS A 386 -3.67 12.75 -30.99
CA LYS A 386 -4.54 13.73 -31.67
C LYS A 386 -5.97 13.67 -31.14
N GLY A 387 -6.09 13.56 -29.82
CA GLY A 387 -7.40 13.58 -29.19
C GLY A 387 -8.20 12.30 -29.26
N ILE A 388 -7.61 11.20 -29.74
CA ILE A 388 -8.28 9.91 -29.85
C ILE A 388 -7.64 8.93 -28.87
N LEU A 389 -8.47 8.32 -28.02
CA LEU A 389 -8.01 7.30 -27.09
C LEU A 389 -8.07 5.92 -27.75
N TYR A 390 -6.93 5.21 -27.74
CA TYR A 390 -6.81 3.87 -28.31
C TYR A 390 -6.60 2.85 -27.18
N SER A 391 -7.35 1.74 -27.23
CA SER A 391 -7.15 0.71 -26.22
C SER A 391 -7.58 -0.64 -26.78
N PHE A 392 -6.96 -1.71 -26.29
CA PHE A 392 -7.31 -3.06 -26.73
C PHE A 392 -8.61 -3.55 -26.11
N GLY A 393 -9.27 -4.45 -26.81
CA GLY A 393 -10.43 -5.10 -26.25
C GLY A 393 -10.82 -6.28 -27.11
N TYR A 394 -12.04 -6.76 -26.92
CA TYR A 394 -12.58 -7.74 -27.85
C TYR A 394 -14.07 -7.51 -28.06
N MET A 395 -14.60 -8.12 -29.11
CA MET A 395 -15.96 -7.86 -29.57
C MET A 395 -16.60 -9.18 -29.97
N VAL A 396 -17.74 -9.50 -29.37
CA VAL A 396 -18.55 -10.62 -29.82
C VAL A 396 -19.31 -10.19 -31.07
N THR A 397 -19.27 -11.01 -32.11
CA THR A 397 -19.84 -10.63 -33.39
C THR A 397 -20.97 -11.57 -33.80
N ARG A 398 -21.71 -11.16 -34.83
CA ARG A 398 -22.76 -12.01 -35.37
C ARG A 398 -22.17 -13.22 -36.10
N SER A 399 -21.12 -13.01 -36.88
CA SER A 399 -20.56 -14.04 -37.73
C SER A 399 -19.13 -14.36 -37.31
N PRO A 400 -18.69 -15.62 -37.47
CA PRO A 400 -17.30 -15.94 -37.16
C PRO A 400 -16.35 -15.27 -38.13
N GLU A 401 -15.19 -14.91 -37.61
CA GLU A 401 -14.16 -14.26 -38.41
C GLU A 401 -13.44 -15.30 -39.25
N PRO A 402 -13.40 -15.15 -40.58
CA PRO A 402 -12.69 -16.12 -41.41
C PRO A 402 -11.19 -15.93 -41.31
N GLY A 403 -10.46 -16.93 -41.75
CA GLY A 403 -9.02 -16.86 -41.76
C GLY A 403 -8.41 -17.70 -40.66
N ASP A 404 -7.15 -18.08 -40.88
CA ASP A 404 -6.41 -18.82 -39.88
C ASP A 404 -5.84 -17.88 -38.83
N SER A 405 -5.80 -18.36 -37.59
CA SER A 405 -5.07 -17.67 -36.54
C SER A 405 -3.58 -17.73 -36.84
N LYS A 406 -2.86 -16.70 -36.40
CA LYS A 406 -1.41 -16.73 -36.52
C LYS A 406 -0.87 -17.96 -35.80
N CYS A 407 0.15 -18.57 -36.37
CA CYS A 407 0.62 -19.84 -35.85
C CYS A 407 2.14 -19.86 -35.92
N VAL A 408 2.72 -21.03 -35.68
CA VAL A 408 4.15 -21.23 -35.65
C VAL A 408 4.47 -22.45 -36.48
N THR A 409 5.70 -22.49 -37.01
CA THR A 409 6.20 -23.61 -37.79
C THR A 409 7.11 -24.51 -36.98
N GLU A 410 7.07 -24.37 -35.66
CA GLU A 410 7.90 -25.17 -34.76
C GLU A 410 7.50 -26.63 -34.85
N GLU A 411 8.51 -27.52 -34.77
CA GLU A 411 8.25 -28.95 -34.81
C GLU A 411 7.59 -29.40 -33.51
N CYS A 412 6.30 -29.68 -33.56
CA CYS A 412 5.52 -29.98 -32.37
C CYS A 412 4.77 -31.31 -32.45
N ASN A 413 5.08 -32.17 -33.42
CA ASN A 413 4.47 -33.49 -33.54
C ASN A 413 2.95 -33.40 -33.61
N GLN A 414 2.45 -32.46 -34.42
CA GLN A 414 1.02 -32.22 -34.51
C GLN A 414 0.77 -31.29 -35.69
N ASN A 415 -0.51 -31.14 -36.04
CA ASN A 415 -0.94 -30.13 -37.01
C ASN A 415 -1.04 -28.80 -36.26
N ASN A 416 0.01 -27.97 -36.38
CA ASN A 416 0.05 -26.73 -35.62
C ASN A 416 -1.11 -25.81 -35.97
N GLN A 417 -1.39 -25.62 -37.25
CA GLN A 417 -2.42 -24.67 -37.63
C GLN A 417 -3.79 -25.09 -37.09
N GLU A 418 -4.07 -26.39 -37.09
CA GLU A 418 -5.31 -26.89 -36.51
C GLU A 418 -5.37 -26.59 -35.01
N LYS A 419 -4.28 -26.86 -34.30
CA LYS A 419 -4.25 -26.57 -32.87
C LYS A 419 -4.31 -25.07 -32.62
N CYS A 420 -3.64 -24.27 -33.45
CA CYS A 420 -3.67 -22.82 -33.30
C CYS A 420 -5.10 -22.29 -33.39
N ASN A 421 -5.82 -22.69 -34.45
CA ASN A 421 -7.21 -22.24 -34.59
C ASN A 421 -8.05 -22.71 -33.41
N ALA A 422 -7.87 -23.96 -32.99
CA ALA A 422 -8.74 -24.54 -31.98
C ALA A 422 -8.58 -23.84 -30.62
N TYR A 423 -7.37 -23.42 -30.29
CA TYR A 423 -7.11 -22.85 -28.98
C TYR A 423 -6.97 -21.33 -29.02
N SER A 424 -7.36 -20.71 -30.14
CA SER A 424 -7.15 -19.28 -30.34
C SER A 424 -8.05 -18.41 -29.47
N LYS A 425 -9.02 -19.01 -28.77
CA LYS A 425 -9.96 -18.27 -27.91
C LYS A 425 -10.79 -17.26 -28.71
N THR A 426 -11.01 -17.54 -30.00
CA THR A 426 -11.81 -16.64 -30.83
C THR A 426 -13.30 -17.00 -30.81
N THR A 427 -13.70 -17.89 -29.90
CA THR A 427 -15.10 -18.19 -29.66
C THR A 427 -15.33 -18.24 -28.16
N LEU A 428 -16.46 -17.70 -27.70
CA LEU A 428 -16.90 -17.89 -26.33
C LEU A 428 -17.91 -19.01 -26.20
N ASP A 429 -18.49 -19.44 -27.32
CA ASP A 429 -19.46 -20.51 -27.40
C ASP A 429 -19.56 -20.91 -28.85
N PRO A 430 -20.17 -22.07 -29.16
CA PRO A 430 -20.45 -22.38 -30.56
C PRO A 430 -21.17 -21.26 -31.28
N ASP A 431 -21.91 -20.42 -30.56
CA ASP A 431 -22.70 -19.37 -31.16
C ASP A 431 -22.14 -17.98 -30.88
N LYS A 432 -20.99 -17.88 -30.22
CA LYS A 432 -20.44 -16.59 -29.80
C LYS A 432 -19.02 -16.43 -30.32
N PRO A 433 -18.84 -16.03 -31.57
CA PRO A 433 -17.50 -15.67 -32.06
C PRO A 433 -17.07 -14.31 -31.55
N ARG A 434 -15.76 -14.16 -31.34
CA ARG A 434 -15.25 -12.87 -30.93
C ARG A 434 -13.94 -12.55 -31.65
N SER A 435 -13.74 -11.25 -31.84
CA SER A 435 -12.57 -10.70 -32.51
C SER A 435 -11.88 -9.72 -31.58
N MET A 436 -10.55 -9.67 -31.66
CA MET A 436 -9.81 -8.62 -31.00
C MET A 436 -10.12 -7.29 -31.66
N ILE A 437 -10.13 -6.21 -30.87
CA ILE A 437 -10.42 -4.88 -31.39
C ILE A 437 -9.50 -3.87 -30.73
N ILE A 438 -9.41 -2.71 -31.37
CA ILE A 438 -8.88 -1.51 -30.75
C ILE A 438 -10.00 -0.47 -30.74
N PHE A 439 -10.37 -0.02 -29.54
CA PHE A 439 -11.30 1.09 -29.39
C PHE A 439 -10.63 2.39 -29.84
N GLN A 440 -11.40 3.26 -30.49
CA GLN A 440 -10.97 4.63 -30.77
C GLN A 440 -12.07 5.56 -30.26
N ILE A 441 -11.79 6.27 -29.17
CA ILE A 441 -12.77 7.13 -28.50
C ILE A 441 -12.31 8.58 -28.62
N ASP A 442 -13.20 9.45 -29.10
CA ASP A 442 -12.88 10.87 -29.19
C ASP A 442 -12.86 11.46 -27.78
N VAL A 443 -11.67 11.80 -27.28
CA VAL A 443 -11.51 12.50 -26.02
C VAL A 443 -10.96 13.90 -26.23
N GLY A 444 -11.10 14.45 -27.44
CA GLY A 444 -10.65 15.80 -27.71
C GLY A 444 -10.02 16.03 -29.08
N ALA A 445 -10.53 15.34 -30.10
CA ALA A 445 -10.04 15.52 -31.46
C ALA A 445 -10.33 16.94 -31.95
N GLU A 446 -9.50 17.42 -32.89
CA GLU A 446 -9.70 18.77 -33.40
C GLU A 446 -11.01 18.90 -34.17
N TYR A 447 -11.40 17.83 -34.89
CA TYR A 447 -12.69 17.84 -35.57
C TYR A 447 -13.50 16.67 -35.04
N PHE A 448 -14.81 16.76 -35.21
CA PHE A 448 -15.70 15.76 -34.67
C PHE A 448 -15.40 14.39 -35.29
N THR A 449 -15.27 13.39 -34.43
CA THR A 449 -14.93 12.04 -34.84
C THR A 449 -15.93 11.10 -34.18
N VAL A 450 -16.29 10.05 -34.90
CA VAL A 450 -17.23 9.06 -34.41
C VAL A 450 -16.47 8.01 -33.62
N ASP A 451 -16.91 7.78 -32.39
CA ASP A 451 -16.35 6.69 -31.59
C ASP A 451 -16.57 5.38 -32.33
N LYS A 452 -15.53 4.56 -32.38
CA LYS A 452 -15.58 3.37 -33.22
C LYS A 452 -14.62 2.33 -32.65
N VAL A 453 -14.77 1.11 -33.13
CA VAL A 453 -13.78 0.06 -32.92
C VAL A 453 -13.26 -0.36 -34.28
N VAL A 454 -12.02 -0.83 -34.30
CA VAL A 454 -11.41 -1.41 -35.48
C VAL A 454 -10.94 -2.82 -35.15
N VAL A 455 -11.20 -3.75 -36.05
CA VAL A 455 -10.87 -5.15 -35.77
C VAL A 455 -9.37 -5.37 -35.95
N VAL A 456 -8.79 -6.10 -35.00
CA VAL A 456 -7.46 -6.69 -35.15
C VAL A 456 -7.66 -8.12 -35.65
N PRO A 457 -7.43 -8.40 -36.94
CA PRO A 457 -7.76 -9.73 -37.47
C PRO A 457 -6.96 -10.84 -36.80
N ARG A 458 -7.60 -12.02 -36.72
CA ARG A 458 -7.01 -13.17 -36.03
C ARG A 458 -5.71 -13.64 -36.67
N THR A 459 -5.46 -13.24 -37.92
CA THR A 459 -4.17 -13.46 -38.56
C THR A 459 -3.03 -12.72 -37.88
N GLN A 460 -3.33 -11.76 -36.98
CA GLN A 460 -2.31 -10.89 -36.40
C GLN A 460 -1.82 -11.33 -35.04
N TYR A 461 -2.44 -12.34 -34.43
CA TYR A 461 -2.07 -12.76 -33.08
C TYR A 461 -2.32 -14.26 -32.96
N TYR A 462 -1.78 -14.84 -31.89
CA TYR A 462 -1.88 -16.27 -31.69
C TYR A 462 -3.17 -16.63 -30.95
N GLN A 463 -3.34 -16.10 -29.74
CA GLN A 463 -4.56 -16.30 -28.97
C GLN A 463 -5.11 -14.93 -28.58
N LEU A 464 -6.42 -14.80 -28.60
CA LEU A 464 -7.04 -13.56 -28.15
C LEU A 464 -6.62 -13.28 -26.71
N THR A 465 -6.12 -12.08 -26.46
CA THR A 465 -5.51 -11.75 -25.19
C THR A 465 -5.56 -10.24 -25.04
N SER A 466 -5.09 -9.76 -23.90
CA SER A 466 -5.00 -8.34 -23.63
C SER A 466 -3.66 -7.79 -24.11
N GLY A 467 -3.52 -6.47 -24.05
CA GLY A 467 -2.24 -5.92 -24.45
C GLY A 467 -2.07 -4.48 -24.00
N ASP A 468 -0.91 -3.92 -24.36
CA ASP A 468 -0.54 -2.54 -24.09
C ASP A 468 -0.35 -1.80 -25.42
N LEU A 469 -0.78 -0.54 -25.45
CA LEU A 469 -0.47 0.36 -26.56
C LEU A 469 0.40 1.49 -26.03
N PHE A 470 1.52 1.74 -26.71
CA PHE A 470 2.53 2.69 -26.25
C PHE A 470 2.57 3.91 -27.17
N TYR A 471 2.27 5.08 -26.61
CA TYR A 471 2.39 6.35 -27.32
C TYR A 471 3.85 6.63 -27.66
N THR A 472 4.09 7.07 -28.91
CA THR A 472 5.43 7.41 -29.36
C THR A 472 5.52 8.81 -29.93
N GLY A 473 4.45 9.59 -29.85
CA GLY A 473 4.43 10.92 -30.44
C GLY A 473 3.20 11.14 -31.30
N GLU A 474 2.88 12.40 -31.58
CA GLU A 474 1.66 12.67 -32.34
C GLU A 474 1.72 12.14 -33.76
N GLU A 475 2.92 12.08 -34.34
CA GLU A 475 3.08 11.70 -35.75
C GLU A 475 3.80 10.37 -35.92
N ASN A 476 3.89 9.56 -34.88
CA ASN A 476 4.59 8.29 -34.95
C ASN A 476 3.61 7.14 -34.71
N ASP A 477 3.89 6.00 -35.33
CA ASP A 477 3.04 4.83 -35.14
C ASP A 477 3.05 4.39 -33.68
N LEU A 478 1.89 3.96 -33.21
CA LEU A 478 1.85 3.36 -31.88
C LEU A 478 2.66 2.08 -31.86
N LEU A 479 3.23 1.78 -30.70
CA LEU A 479 3.80 0.46 -30.45
C LEU A 479 2.82 -0.37 -29.63
N TYR A 480 3.04 -1.69 -29.61
CA TYR A 480 2.15 -2.55 -28.85
C TYR A 480 2.92 -3.70 -28.22
N GLN A 481 2.28 -4.30 -27.22
CA GLN A 481 2.66 -5.63 -26.74
C GLN A 481 1.39 -6.40 -26.45
N LEU A 482 1.37 -7.70 -26.79
CA LEU A 482 0.29 -8.57 -26.34
C LEU A 482 0.77 -9.40 -25.16
N HIS A 483 -0.16 -9.71 -24.26
CA HIS A 483 0.20 -10.34 -22.99
C HIS A 483 0.21 -11.86 -23.12
N ASN A 484 1.31 -12.48 -22.70
CA ASN A 484 1.47 -13.94 -22.79
C ASN A 484 0.61 -14.59 -21.71
N LYS A 485 -0.60 -15.00 -22.08
CA LYS A 485 -1.52 -15.66 -21.16
C LYS A 485 -1.97 -17.02 -21.70
N GLY A 486 -1.20 -17.60 -22.62
CA GLY A 486 -1.51 -18.89 -23.20
C GLY A 486 -0.28 -19.74 -23.44
N TRP A 487 -0.16 -20.30 -24.65
CA TRP A 487 0.92 -21.23 -24.96
C TRP A 487 2.14 -20.58 -25.60
N TYR A 488 1.99 -19.42 -26.23
CA TYR A 488 3.12 -18.76 -26.87
C TYR A 488 4.02 -18.14 -25.81
N ASN A 489 5.32 -18.46 -25.84
CA ASN A 489 6.19 -18.15 -24.72
C ASN A 489 7.36 -17.24 -25.09
N LYS A 490 7.25 -16.50 -26.18
CA LYS A 490 8.21 -15.46 -26.54
C LYS A 490 7.54 -14.09 -26.48
N PRO A 491 8.32 -13.01 -26.42
CA PRO A 491 7.70 -11.67 -26.44
C PRO A 491 6.90 -11.45 -27.72
N ILE A 492 5.74 -10.81 -27.57
CA ILE A 492 4.85 -10.44 -28.66
C ILE A 492 4.74 -8.92 -28.60
N ARG A 493 5.48 -8.23 -29.47
CA ARG A 493 5.50 -6.79 -29.41
C ARG A 493 5.91 -6.25 -30.78
N GLY A 494 5.63 -4.97 -30.98
CA GLY A 494 6.04 -4.31 -32.22
C GLY A 494 5.28 -3.02 -32.48
N ARG A 495 4.91 -2.82 -33.75
CA ARG A 495 4.33 -1.59 -34.23
C ARG A 495 2.91 -1.86 -34.74
N VAL A 496 1.99 -0.92 -34.49
CA VAL A 496 0.61 -0.99 -34.97
C VAL A 496 0.41 0.03 -36.07
N THR A 497 -0.24 -0.37 -37.17
CA THR A 497 -0.74 0.56 -38.15
C THR A 497 -2.21 0.29 -38.43
N PHE A 498 -2.89 1.30 -38.97
CA PHE A 498 -4.33 1.26 -39.16
C PHE A 498 -4.77 1.51 -40.59
N ASP A 499 -3.96 2.17 -41.41
CA ASP A 499 -4.40 2.59 -42.73
C ASP A 499 -4.89 1.43 -43.59
N GLY A 500 -6.21 1.34 -43.77
CA GLY A 500 -6.87 0.28 -44.50
C GLY A 500 -7.33 -0.88 -43.63
N GLN A 501 -6.51 -1.27 -42.67
CA GLN A 501 -6.78 -2.38 -41.77
C GLN A 501 -5.76 -2.32 -40.64
N VAL A 502 -6.07 -2.94 -39.51
CA VAL A 502 -5.16 -2.96 -38.36
C VAL A 502 -4.15 -4.08 -38.59
N THR A 503 -2.87 -3.71 -38.62
CA THR A 503 -1.78 -4.65 -38.75
C THR A 503 -0.89 -4.57 -37.52
N LEU A 504 -0.63 -5.72 -36.90
CA LEU A 504 0.36 -5.80 -35.83
C LEU A 504 1.65 -6.27 -36.46
N HIS A 505 2.61 -5.35 -36.58
CA HIS A 505 3.92 -5.64 -37.15
C HIS A 505 4.76 -6.20 -36.01
N GLU A 506 4.82 -7.52 -35.92
CA GLU A 506 5.42 -8.16 -34.75
C GLU A 506 6.92 -8.31 -34.93
N HIS A 507 7.67 -7.86 -33.92
CA HIS A 507 9.13 -7.93 -33.98
C HIS A 507 9.61 -9.36 -33.72
N SER A 508 10.73 -9.70 -34.34
CA SER A 508 11.34 -11.02 -34.15
C SER A 508 12.15 -10.98 -32.86
N ARG A 509 11.61 -11.58 -31.80
CA ARG A 509 12.20 -11.51 -30.47
C ARG A 509 12.28 -12.90 -29.86
N THR A 510 13.50 -13.32 -29.53
CA THR A 510 13.76 -14.64 -28.99
C THR A 510 14.65 -14.64 -27.75
N TYR A 511 15.17 -13.48 -27.36
CA TYR A 511 16.18 -13.44 -26.31
C TYR A 511 15.59 -13.73 -24.93
N ASP A 512 14.29 -13.51 -24.75
CA ASP A 512 13.55 -13.83 -23.53
C ASP A 512 12.58 -14.97 -23.81
N SER A 513 12.43 -15.87 -22.85
CA SER A 513 11.46 -16.95 -22.94
C SER A 513 10.71 -17.05 -21.63
N LEU A 514 9.39 -17.20 -21.73
CA LEU A 514 8.54 -17.38 -20.56
C LEU A 514 8.34 -18.88 -20.31
N SER A 515 8.14 -19.23 -19.04
CA SER A 515 8.02 -20.64 -18.69
C SER A 515 7.02 -20.79 -17.56
N ASN A 516 6.56 -22.02 -17.39
CA ASN A 516 5.76 -22.44 -16.25
C ASN A 516 6.62 -23.31 -15.35
N GLN A 517 6.14 -23.48 -14.12
CA GLN A 517 6.83 -24.38 -13.19
C GLN A 517 6.79 -25.82 -13.66
N ARG A 518 5.66 -26.25 -14.22
CA ARG A 518 5.48 -27.60 -14.72
C ARG A 518 5.42 -27.58 -16.25
N ALA A 519 6.16 -28.49 -16.89
CA ALA A 519 6.23 -28.47 -18.34
C ALA A 519 4.87 -28.82 -18.95
N CYS A 520 4.69 -28.36 -20.19
CA CYS A 520 3.49 -28.64 -20.96
C CYS A 520 3.79 -29.66 -22.05
N ASN A 521 2.77 -30.43 -22.41
CA ASN A 521 2.86 -31.40 -23.50
C ASN A 521 1.78 -31.11 -24.53
N PRO A 522 2.10 -30.55 -25.71
CA PRO A 522 3.46 -30.19 -26.19
C PRO A 522 4.04 -28.98 -25.47
N ARG A 523 5.34 -28.75 -25.61
CA ARG A 523 6.02 -27.71 -24.86
C ARG A 523 5.47 -26.33 -25.20
N LEU A 524 5.65 -25.40 -24.27
CA LEU A 524 5.33 -24.00 -24.54
C LEU A 524 6.08 -23.54 -25.78
N GLY A 525 5.42 -22.69 -26.56
CA GLY A 525 5.85 -22.39 -27.92
C GLY A 525 5.16 -23.23 -28.96
N CYS A 526 4.51 -24.33 -28.55
CA CYS A 526 3.67 -25.17 -29.38
C CYS A 526 2.20 -24.97 -29.00
N PRO A 527 1.31 -24.83 -29.98
CA PRO A 527 -0.11 -24.64 -29.65
C PRO A 527 -0.66 -25.79 -28.82
N SER A 528 -1.31 -25.43 -27.70
CA SER A 528 -1.84 -26.40 -26.75
C SER A 528 -2.88 -25.68 -25.89
N THR A 529 -3.45 -26.41 -24.94
CA THR A 529 -4.35 -25.78 -23.99
C THR A 529 -3.64 -25.27 -22.74
N CYS A 530 -2.32 -25.36 -22.70
CA CYS A 530 -1.60 -24.83 -21.54
C CYS A 530 -1.60 -23.31 -21.57
N GLU A 531 -1.54 -22.73 -20.37
CA GLU A 531 -1.56 -21.29 -20.21
C GLU A 531 -0.48 -20.85 -19.25
N LEU A 532 0.32 -19.88 -19.66
CA LEU A 532 1.34 -19.32 -18.78
C LEU A 532 0.70 -18.72 -17.54
N THR A 533 1.22 -19.10 -16.38
CA THR A 533 0.74 -18.55 -15.10
C THR A 533 1.37 -17.21 -14.78
N SER A 534 2.46 -16.85 -15.44
CA SER A 534 3.20 -15.63 -15.16
C SER A 534 3.50 -14.94 -16.48
N MET A 535 3.17 -13.66 -16.60
CA MET A 535 3.37 -12.93 -17.84
C MET A 535 4.65 -12.10 -17.77
N ALA A 536 4.91 -11.37 -18.85
CA ALA A 536 6.04 -10.45 -18.94
C ALA A 536 5.52 -9.10 -19.41
N SER A 537 6.10 -8.03 -18.89
CA SER A 537 5.79 -6.68 -19.34
C SER A 537 7.03 -6.10 -19.99
N TYR A 538 6.86 -5.51 -21.18
CA TYR A 538 7.96 -4.84 -21.87
C TYR A 538 7.59 -3.38 -22.08
N PHE A 539 8.61 -2.53 -22.12
CA PHE A 539 8.38 -1.11 -22.36
C PHE A 539 9.44 -0.58 -23.32
N PRO A 540 9.06 0.22 -24.30
CA PRO A 540 10.03 0.69 -25.31
C PRO A 540 10.93 1.79 -24.75
N LEU A 541 12.23 1.67 -25.02
CA LEU A 541 13.18 2.73 -24.72
C LEU A 541 13.35 3.71 -25.88
N ASP A 542 12.59 3.54 -26.96
CA ASP A 542 12.62 4.40 -28.15
C ASP A 542 11.36 4.13 -28.96
N LYS A 543 11.11 5.01 -29.95
CA LYS A 543 9.86 4.94 -30.70
C LYS A 543 9.79 3.75 -31.65
N ASP A 544 10.88 3.01 -31.83
CA ASP A 544 10.88 1.84 -32.70
C ASP A 544 10.79 0.53 -31.92
N PHE A 545 10.81 0.59 -30.58
CA PHE A 545 10.94 -0.59 -29.74
C PHE A 545 12.26 -1.31 -30.03
N LYS A 546 13.26 -0.57 -30.50
CA LYS A 546 14.57 -1.19 -30.76
C LYS A 546 15.18 -1.70 -29.46
N ALA A 547 15.21 -0.85 -28.44
CA ALA A 547 15.64 -1.26 -27.11
C ALA A 547 14.41 -1.37 -26.21
N ALA A 548 14.43 -2.36 -25.31
CA ALA A 548 13.29 -2.66 -24.45
C ALA A 548 13.75 -3.02 -23.05
N VAL A 549 12.94 -2.62 -22.06
CA VAL A 549 13.03 -3.09 -20.68
C VAL A 549 11.91 -4.10 -20.46
N GLY A 550 12.22 -5.18 -19.76
CA GLY A 550 11.25 -6.21 -19.48
C GLY A 550 11.26 -6.58 -18.02
N VAL A 551 10.09 -7.00 -17.53
CA VAL A 551 9.93 -7.65 -16.24
C VAL A 551 9.37 -9.04 -16.53
N ILE A 552 10.06 -10.07 -16.05
CA ILE A 552 9.77 -11.45 -16.44
C ILE A 552 10.29 -12.39 -15.36
N ALA A 553 9.74 -13.60 -15.31
CA ALA A 553 10.26 -14.61 -14.40
C ALA A 553 11.58 -15.14 -14.92
N LEU A 554 12.49 -15.45 -13.99
CA LEU A 554 13.76 -16.03 -14.39
C LEU A 554 13.56 -17.41 -15.02
N ARG A 555 12.82 -18.28 -14.33
CA ARG A 555 12.53 -19.63 -14.79
C ARG A 555 11.45 -20.23 -13.90
N ASN A 556 10.70 -21.17 -14.46
CA ASN A 556 9.66 -21.91 -13.73
C ASN A 556 8.55 -21.00 -13.21
N GLY A 557 8.30 -19.89 -13.88
CA GLY A 557 7.25 -18.98 -13.47
C GLY A 557 7.47 -18.27 -12.17
N MET A 558 8.71 -18.16 -11.70
CA MET A 558 9.00 -17.43 -10.48
C MET A 558 10.33 -16.72 -10.61
N THR A 559 10.63 -15.89 -9.60
CA THR A 559 11.84 -15.09 -9.45
C THR A 559 11.82 -13.91 -10.40
N PRO A 560 11.25 -12.78 -9.97
CA PRO A 560 11.13 -11.62 -10.87
C PRO A 560 12.50 -11.02 -11.19
N ILE A 561 12.76 -10.83 -12.48
CA ILE A 561 13.99 -10.21 -12.97
C ILE A 561 13.64 -9.11 -13.97
N ILE A 562 14.62 -8.26 -14.25
CA ILE A 562 14.53 -7.24 -15.28
C ILE A 562 15.45 -7.63 -16.42
N THR A 563 14.94 -7.57 -17.65
CA THR A 563 15.79 -7.80 -18.82
C THR A 563 15.86 -6.52 -19.64
N TYR A 564 16.94 -6.41 -20.41
CA TYR A 564 17.29 -5.19 -21.13
C TYR A 564 17.84 -5.61 -22.47
N SER A 565 17.18 -5.22 -23.56
CA SER A 565 17.51 -5.73 -24.89
C SER A 565 17.78 -4.60 -25.88
N THR A 566 18.54 -4.94 -26.91
CA THR A 566 18.66 -4.19 -28.15
C THR A 566 18.39 -5.15 -29.28
N ASP A 567 17.46 -4.80 -30.17
CA ASP A 567 17.03 -5.70 -31.23
C ASP A 567 16.67 -7.05 -30.63
N ASP A 568 17.28 -8.13 -31.11
CA ASP A 568 17.04 -9.45 -30.55
C ASP A 568 18.23 -9.94 -29.73
N TRP A 569 18.84 -9.02 -28.97
CA TRP A 569 19.99 -9.32 -28.13
C TRP A 569 19.72 -8.80 -26.73
N ARG A 570 19.93 -9.65 -25.72
CA ARG A 570 19.78 -9.26 -24.32
C ARG A 570 21.09 -8.65 -23.82
N ASN A 571 21.06 -7.36 -23.49
CA ASN A 571 22.25 -6.69 -22.98
C ASN A 571 22.60 -7.18 -21.58
N HIS A 572 21.60 -7.31 -20.70
CA HIS A 572 21.82 -7.84 -19.37
C HIS A 572 20.50 -8.28 -18.77
N TRP A 573 20.59 -8.93 -17.62
CA TRP A 573 19.42 -9.09 -16.77
C TRP A 573 19.86 -8.91 -15.32
N LYS A 574 18.93 -8.44 -14.50
CA LYS A 574 19.19 -8.20 -13.08
C LYS A 574 18.02 -8.71 -12.26
N TYR A 575 18.29 -9.07 -11.01
CA TYR A 575 17.22 -9.50 -10.11
C TYR A 575 16.42 -8.29 -9.63
N ILE A 576 15.09 -8.44 -9.61
CA ILE A 576 14.30 -7.64 -8.67
C ILE A 576 14.40 -8.22 -7.27
N LYS A 577 14.21 -9.53 -7.14
CA LYS A 577 14.31 -10.20 -5.85
C LYS A 577 14.76 -11.62 -6.13
N ASN A 578 15.93 -12.01 -5.63
CA ASN A 578 16.44 -13.38 -5.83
C ASN A 578 15.79 -14.29 -4.80
N ALA A 579 14.54 -14.67 -5.07
CA ALA A 579 13.78 -15.54 -4.19
C ALA A 579 12.79 -16.34 -5.02
N ASP A 580 12.27 -17.42 -4.44
CA ASP A 580 11.29 -18.28 -5.11
C ASP A 580 9.90 -17.64 -5.04
N LEU A 581 9.81 -16.45 -5.63
CA LEU A 581 8.60 -15.63 -5.59
C LEU A 581 7.87 -15.73 -6.91
N GLU A 582 6.69 -16.35 -6.90
CA GLU A 582 5.83 -16.37 -8.07
C GLU A 582 5.09 -15.05 -8.23
N PHE A 583 4.91 -14.61 -9.48
CA PHE A 583 4.03 -13.49 -9.72
C PHE A 583 3.20 -13.79 -10.96
N SER A 584 2.04 -13.17 -11.05
CA SER A 584 1.05 -13.51 -12.06
C SER A 584 0.94 -12.44 -13.13
N GLU A 585 0.69 -11.20 -12.74
CA GLU A 585 0.53 -10.11 -13.69
C GLU A 585 1.51 -8.99 -13.37
N SER A 586 1.74 -8.12 -14.37
CA SER A 586 2.69 -7.04 -14.22
C SER A 586 2.29 -5.87 -15.11
N SER A 587 2.79 -4.70 -14.75
CA SER A 587 2.72 -3.53 -15.62
C SER A 587 4.00 -2.72 -15.42
N LEU A 588 4.52 -2.14 -16.50
CA LEU A 588 5.85 -1.53 -16.49
C LEU A 588 5.81 -0.20 -17.22
N SER A 589 6.43 0.83 -16.64
CA SER A 589 6.56 2.13 -17.28
C SER A 589 7.96 2.66 -17.08
N CYS A 590 8.55 3.22 -18.13
CA CYS A 590 9.85 3.86 -18.03
C CYS A 590 9.77 5.30 -18.53
N TYR A 591 10.58 6.16 -17.92
CA TYR A 591 10.43 7.59 -18.12
C TYR A 591 11.75 8.27 -17.83
N SER A 592 11.99 9.36 -18.52
CA SER A 592 13.22 10.10 -18.37
C SER A 592 12.93 11.42 -17.68
N PRO A 593 13.73 11.81 -16.69
CA PRO A 593 13.70 13.21 -16.23
C PRO A 593 13.98 14.14 -17.39
N ASN A 594 13.55 15.39 -17.25
CA ASN A 594 13.78 16.42 -18.26
C ASN A 594 14.36 17.64 -17.56
N PRO A 595 15.64 17.99 -17.79
CA PRO A 595 16.59 17.35 -18.74
C PRO A 595 17.02 15.95 -18.31
N PRO A 596 17.41 15.11 -19.26
CA PRO A 596 17.70 13.71 -18.93
C PRO A 596 19.04 13.56 -18.20
N LEU A 597 19.17 12.42 -17.52
CA LEU A 597 20.44 11.98 -16.98
C LEU A 597 21.29 11.41 -18.09
N ASP A 598 22.61 11.41 -17.88
CA ASP A 598 23.52 11.02 -18.94
C ASP A 598 23.41 9.54 -19.27
N ASP A 599 23.34 8.68 -18.25
CA ASP A 599 23.49 7.25 -18.47
C ASP A 599 22.26 6.44 -18.10
N TYR A 600 21.21 7.06 -17.55
CA TYR A 600 20.08 6.32 -16.99
C TYR A 600 18.75 6.96 -17.36
N VAL A 601 17.72 6.12 -17.32
CA VAL A 601 16.34 6.57 -17.20
C VAL A 601 15.79 5.88 -15.96
N LEU A 602 14.49 6.05 -15.71
CA LEU A 602 13.83 5.42 -14.57
C LEU A 602 12.72 4.50 -15.05
N CYS A 603 12.51 3.40 -14.34
CA CYS A 603 11.39 2.51 -14.59
C CYS A 603 10.70 2.18 -13.27
N THR A 604 9.38 1.95 -13.36
CA THR A 604 8.58 1.47 -12.24
C THR A 604 7.77 0.28 -12.73
N ALA A 605 7.75 -0.78 -11.93
CA ALA A 605 6.94 -1.95 -12.21
C ALA A 605 6.02 -2.22 -11.02
N VAL A 606 4.80 -2.66 -11.32
CA VAL A 606 3.91 -3.25 -10.34
C VAL A 606 3.73 -4.71 -10.74
N ILE A 607 3.73 -5.61 -9.76
CA ILE A 607 3.49 -7.02 -10.01
C ILE A 607 2.45 -7.51 -9.01
N THR A 608 1.74 -8.56 -9.37
CA THR A 608 0.88 -9.25 -8.42
C THR A 608 1.58 -10.55 -8.04
N ALA A 609 2.05 -10.62 -6.79
CA ALA A 609 2.95 -11.67 -6.34
C ALA A 609 2.32 -12.47 -5.20
N LYS A 610 2.56 -13.79 -5.21
CA LYS A 610 2.02 -14.69 -4.20
C LYS A 610 2.95 -14.64 -2.98
N VAL A 611 2.66 -13.70 -2.07
CA VAL A 611 3.50 -13.43 -0.90
C VAL A 611 3.21 -14.43 0.22
N MET A 612 4.26 -14.81 0.95
CA MET A 612 4.20 -15.64 2.17
C MET A 612 3.26 -16.83 2.01
N SER A 613 3.46 -17.57 0.91
CA SER A 613 2.74 -18.82 0.62
C SER A 613 1.25 -18.61 0.39
N ASN A 614 0.84 -17.37 0.14
CA ASN A 614 -0.52 -17.11 -0.29
C ASN A 614 -0.77 -17.77 -1.64
N THR A 615 -1.97 -18.33 -1.83
CA THR A 615 -2.33 -18.90 -3.11
C THR A 615 -2.77 -17.84 -4.12
N ASN A 616 -3.22 -16.69 -3.64
CA ASN A 616 -3.58 -15.55 -4.47
C ASN A 616 -2.45 -14.54 -4.48
N PRO A 617 -2.41 -13.68 -5.51
CA PRO A 617 -1.34 -12.67 -5.60
C PRO A 617 -1.76 -11.30 -5.06
N GLN A 618 -0.83 -10.59 -4.41
CA GLN A 618 -1.04 -9.25 -3.89
C GLN A 618 -0.12 -8.27 -4.60
N LEU A 619 -0.38 -6.97 -4.44
CA LEU A 619 0.30 -5.93 -5.21
C LEU A 619 1.62 -5.53 -4.56
N LEU A 620 2.70 -5.59 -5.33
CA LEU A 620 4.00 -5.07 -4.92
C LEU A 620 4.54 -4.16 -6.03
N ALA A 621 5.41 -3.23 -5.64
CA ALA A 621 5.91 -2.25 -6.58
C ALA A 621 7.41 -2.04 -6.34
N THR A 622 8.11 -1.64 -7.39
CA THR A 622 9.48 -1.18 -7.22
C THR A 622 9.86 -0.31 -8.42
N SER A 623 10.85 0.54 -8.19
CA SER A 623 11.43 1.36 -9.25
C SER A 623 12.92 1.09 -9.33
N TRP A 624 13.55 1.52 -10.43
CA TRP A 624 15.00 1.40 -10.47
C TRP A 624 15.55 2.42 -11.46
N TYR A 625 16.83 2.73 -11.28
CA TYR A 625 17.57 3.42 -12.34
C TYR A 625 17.90 2.42 -13.42
N GLN A 626 17.43 2.69 -14.64
CA GLN A 626 17.58 1.81 -15.78
C GLN A 626 18.72 2.30 -16.66
N TYR A 627 19.76 1.46 -16.82
CA TYR A 627 20.89 1.78 -17.68
C TYR A 627 20.41 2.11 -19.08
N ASP A 628 20.99 3.18 -19.65
CA ASP A 628 20.57 3.71 -20.95
C ASP A 628 21.78 4.19 -21.74
N LYS A 629 22.97 3.63 -21.47
CA LYS A 629 24.25 4.21 -21.82
C LYS A 629 24.92 3.50 -22.99
N CYS A 630 25.70 4.26 -23.77
CA CYS A 630 26.44 3.74 -24.91
C CYS A 630 27.78 3.13 -24.49
N HIS A 631 28.19 2.10 -25.22
CA HIS A 631 29.54 1.55 -25.09
C HIS A 631 29.84 1.03 -23.69
N TYR B 204 -18.57 13.85 2.77
CA TYR B 204 -18.40 12.76 1.81
C TYR B 204 -19.24 11.59 2.30
N THR B 205 -19.82 10.83 1.36
CA THR B 205 -20.57 9.63 1.73
C THR B 205 -19.66 8.70 2.51
N ARG B 206 -20.16 8.23 3.65
CA ARG B 206 -19.32 7.47 4.56
C ARG B 206 -20.19 6.84 5.64
N VAL B 207 -19.67 5.76 6.23
CA VAL B 207 -20.31 5.10 7.35
C VAL B 207 -19.95 5.87 8.61
N ARG B 208 -20.98 6.39 9.31
CA ARG B 208 -20.71 7.15 10.52
C ARG B 208 -20.18 6.21 11.60
N THR B 209 -19.20 6.68 12.38
CA THR B 209 -18.55 5.84 13.38
C THR B 209 -18.21 6.63 14.63
N PHE B 210 -17.97 5.89 15.72
CA PHE B 210 -17.42 6.48 16.95
C PHE B 210 -16.53 5.47 17.63
N SER B 211 -15.61 5.97 18.45
CA SER B 211 -14.65 5.11 19.14
C SER B 211 -15.35 4.23 20.17
N THR B 212 -14.93 2.97 20.27
CA THR B 212 -15.47 2.10 21.32
C THR B 212 -15.07 2.57 22.72
N ALA B 213 -14.04 3.42 22.84
CA ALA B 213 -13.55 3.84 24.14
C ALA B 213 -14.44 4.87 24.83
N ILE B 214 -15.43 5.42 24.14
CA ILE B 214 -16.33 6.39 24.77
C ILE B 214 -17.56 5.72 25.37
N ARG B 215 -17.74 4.42 25.17
CA ARG B 215 -18.93 3.72 25.61
C ARG B 215 -18.89 3.41 27.11
N ASN B 216 -20.07 3.30 27.70
CA ASN B 216 -20.13 2.75 29.04
C ASN B 216 -19.73 1.28 29.01
N PRO B 217 -19.10 0.78 30.06
CA PRO B 217 -18.80 -0.66 30.10
C PRO B 217 -20.09 -1.45 30.09
N LYS B 218 -20.08 -2.57 29.38
CA LYS B 218 -21.27 -3.40 29.35
C LYS B 218 -21.44 -4.10 30.68
N THR B 219 -22.70 -4.13 31.15
CA THR B 219 -22.99 -4.70 32.46
C THR B 219 -23.07 -6.21 32.39
N CYS B 220 -23.31 -6.77 31.21
CA CYS B 220 -23.33 -8.19 30.94
C CYS B 220 -21.92 -8.79 30.92
N GLN B 221 -21.87 -10.11 31.09
CA GLN B 221 -20.66 -10.88 30.89
C GLN B 221 -20.36 -11.06 29.40
N ARG B 222 -19.11 -10.84 29.02
CA ARG B 222 -18.68 -10.95 27.63
C ARG B 222 -18.25 -12.37 27.30
N ALA B 223 -18.81 -12.93 26.24
CA ALA B 223 -18.55 -14.29 25.81
C ALA B 223 -17.37 -14.33 24.83
N GLY B 224 -16.60 -15.42 24.92
CA GLY B 224 -15.64 -15.69 23.86
C GLY B 224 -16.34 -16.14 22.59
N GLN B 225 -15.78 -15.74 21.46
CA GLN B 225 -16.36 -16.04 20.15
C GLN B 225 -16.02 -17.47 19.74
N GLU B 226 -17.05 -18.27 19.48
CA GLU B 226 -16.85 -19.65 19.06
C GLU B 226 -16.53 -19.76 17.57
N THR B 227 -17.11 -18.90 16.75
CA THR B 227 -16.93 -18.92 15.32
C THR B 227 -15.58 -18.33 14.92
N ASP B 228 -15.17 -18.61 13.69
CA ASP B 228 -13.88 -18.11 13.24
C ASP B 228 -13.93 -16.60 13.05
N LEU B 229 -12.74 -15.99 13.06
CA LEU B 229 -12.65 -14.55 12.94
C LEU B 229 -13.01 -14.12 11.52
N ASN B 230 -13.85 -13.10 11.39
CA ASN B 230 -14.13 -12.52 10.08
C ASN B 230 -13.19 -11.34 9.86
N LEU B 231 -12.07 -11.61 9.19
CA LEU B 231 -11.12 -10.59 8.81
C LEU B 231 -11.54 -9.97 7.49
N ILE B 232 -11.45 -8.64 7.40
CA ILE B 232 -11.89 -7.94 6.19
C ILE B 232 -10.79 -6.97 5.77
N PRO B 233 -10.79 -6.56 4.49
CA PRO B 233 -9.69 -5.76 3.97
C PRO B 233 -9.52 -4.43 4.69
N ALA B 234 -8.26 -4.09 4.93
CA ALA B 234 -7.85 -2.74 5.32
C ALA B 234 -6.83 -2.28 4.29
N PHE B 235 -7.31 -1.91 3.10
CA PHE B 235 -6.42 -1.58 1.99
C PHE B 235 -6.01 -0.13 2.09
N ILE B 236 -5.11 0.14 3.04
CA ILE B 236 -4.66 1.45 3.41
C ILE B 236 -3.14 1.51 3.34
N GLY B 237 -2.59 2.69 3.58
CA GLY B 237 -1.15 2.83 3.41
C GLY B 237 -0.75 2.66 1.95
N THR B 238 0.53 2.32 1.76
CA THR B 238 1.14 2.10 0.45
C THR B 238 1.92 0.79 0.46
N ASP B 239 2.37 0.37 -0.72
CA ASP B 239 3.55 -0.50 -0.74
C ASP B 239 4.64 0.16 0.08
N THR B 240 5.37 -0.63 0.89
CA THR B 240 6.46 -0.09 1.68
C THR B 240 7.74 -0.90 1.49
N GLY B 241 8.00 -1.32 0.25
CA GLY B 241 9.29 -1.87 -0.08
C GLY B 241 9.53 -3.28 0.38
N ILE B 242 8.50 -4.13 0.39
CA ILE B 242 8.74 -5.54 0.62
C ILE B 242 9.79 -6.08 -0.34
N LEU B 243 9.77 -5.63 -1.60
CA LEU B 243 10.74 -6.16 -2.55
C LEU B 243 12.16 -5.71 -2.26
N ILE B 244 12.35 -4.60 -1.53
CA ILE B 244 13.67 -4.03 -1.33
C ILE B 244 14.04 -3.94 0.15
N ASN B 245 13.28 -4.59 1.02
CA ASN B 245 13.61 -4.65 2.44
C ASN B 245 13.75 -3.26 3.05
N SER B 246 12.81 -2.37 2.74
CA SER B 246 12.75 -1.08 3.41
C SER B 246 12.27 -1.25 4.84
N CYS B 247 12.48 -0.23 5.65
CA CYS B 247 12.11 -0.27 7.06
C CYS B 247 10.98 0.72 7.32
N VAL B 248 9.90 0.25 7.93
CA VAL B 248 8.80 1.10 8.34
C VAL B 248 8.80 1.17 9.86
N ARG B 249 8.70 2.39 10.40
CA ARG B 249 8.71 2.63 11.84
C ARG B 249 7.57 3.57 12.24
N GLN B 250 7.28 3.55 13.55
CA GLN B 250 6.37 4.50 14.19
C GLN B 250 4.97 4.56 13.56
N PRO B 251 4.34 3.42 13.24
CA PRO B 251 2.98 3.49 12.69
C PRO B 251 2.00 3.94 13.75
N VAL B 252 1.09 4.84 13.35
CA VAL B 252 -0.02 5.25 14.20
C VAL B 252 -1.26 5.35 13.33
N ILE B 253 -2.33 4.68 13.75
CA ILE B 253 -3.64 4.80 13.11
C ILE B 253 -4.58 5.47 14.09
N ALA B 254 -5.53 6.23 13.56
CA ALA B 254 -6.53 6.91 14.38
C ALA B 254 -7.84 6.98 13.61
N THR B 255 -8.97 6.88 14.30
CA THR B 255 -10.25 7.02 13.62
C THR B 255 -11.07 8.13 14.24
N GLY B 256 -11.96 8.69 13.41
CA GLY B 256 -12.94 9.66 13.83
C GLY B 256 -14.32 9.21 13.40
N ASP B 257 -15.11 10.12 12.84
CA ASP B 257 -16.50 9.85 12.47
C ASP B 257 -16.52 9.56 10.98
N GLY B 258 -16.43 8.28 10.61
CA GLY B 258 -16.38 7.93 9.21
C GLY B 258 -15.07 8.26 8.54
N ILE B 259 -14.04 8.60 9.31
CA ILE B 259 -12.76 9.06 8.80
C ILE B 259 -11.67 8.33 9.56
N TYR B 260 -10.57 8.00 8.87
CA TYR B 260 -9.38 7.51 9.56
C TYR B 260 -8.18 8.30 9.09
N ALA B 261 -7.12 8.24 9.88
CA ALA B 261 -5.84 8.79 9.48
C ALA B 261 -4.75 7.79 9.85
N LEU B 262 -3.62 7.89 9.13
CA LEU B 262 -2.52 6.97 9.33
C LEU B 262 -1.21 7.73 9.14
N THR B 263 -0.21 7.41 9.94
CA THR B 263 1.11 7.98 9.73
C THR B 263 2.17 6.92 9.98
N TYR B 264 3.32 7.07 9.31
CA TYR B 264 4.44 6.16 9.54
C TYR B 264 5.69 6.77 8.92
N LEU B 265 6.83 6.19 9.27
CA LEU B 265 8.14 6.66 8.84
C LEU B 265 8.81 5.54 8.05
N THR B 266 9.39 5.88 6.89
CA THR B 266 10.05 4.86 6.07
C THR B 266 11.52 5.22 5.83
N MET B 267 12.34 4.17 5.71
CA MET B 267 13.76 4.30 5.44
C MET B 267 14.21 3.20 4.49
N ARG B 268 15.18 3.52 3.62
CA ARG B 268 15.79 2.50 2.77
C ARG B 268 16.78 1.68 3.58
N GLY B 269 16.71 0.35 3.41
CA GLY B 269 17.80 -0.54 3.80
C GLY B 269 18.02 -0.80 5.27
N THR B 270 17.82 0.20 6.11
CA THR B 270 18.07 0.07 7.53
C THR B 270 17.02 0.87 8.29
N CYS B 271 16.85 0.54 9.56
CA CYS B 271 15.95 1.31 10.40
C CYS B 271 16.66 2.45 11.12
N GLN B 272 17.96 2.65 10.84
CA GLN B 272 18.73 3.67 11.52
C GLN B 272 19.27 4.69 10.53
N ASP B 273 18.38 5.23 9.69
CA ASP B 273 18.75 6.24 8.68
C ASP B 273 17.73 7.36 8.74
N HIS B 274 17.66 8.03 9.90
CA HIS B 274 16.77 9.16 10.04
C HIS B 274 17.07 10.25 9.02
N ARG B 275 18.36 10.46 8.72
CA ARG B 275 18.79 11.53 7.83
C ARG B 275 18.10 11.42 6.47
N HIS B 276 17.76 10.21 6.03
CA HIS B 276 17.15 10.02 4.71
C HIS B 276 15.76 9.41 4.81
N ALA B 277 15.12 9.50 5.96
CA ALA B 277 13.79 8.93 6.14
C ALA B 277 12.73 9.79 5.46
N VAL B 278 11.53 9.22 5.32
CA VAL B 278 10.40 9.91 4.74
C VAL B 278 9.19 9.73 5.66
N ARG B 279 8.55 10.84 6.02
CA ARG B 279 7.34 10.78 6.82
C ARG B 279 6.12 10.72 5.91
N HIS B 280 5.26 9.73 6.13
CA HIS B 280 4.01 9.57 5.40
C HIS B 280 2.82 9.97 6.25
N PHE B 281 1.87 10.65 5.63
CA PHE B 281 0.58 10.99 6.24
C PHE B 281 -0.53 10.55 5.30
N GLU B 282 -1.65 10.09 5.85
CA GLU B 282 -2.73 9.61 5.02
C GLU B 282 -4.06 9.84 5.72
N ILE B 283 -5.07 10.22 4.96
CA ILE B 283 -6.42 10.36 5.50
C ILE B 283 -7.39 9.68 4.55
N GLY B 284 -8.43 9.05 5.10
CA GLY B 284 -9.41 8.38 4.27
C GLY B 284 -10.73 8.21 4.98
N LEU B 285 -11.58 7.38 4.39
CA LEU B 285 -12.97 7.25 4.79
C LEU B 285 -13.27 5.82 5.21
N VAL B 286 -14.33 5.67 6.00
CA VAL B 286 -14.96 4.38 6.22
C VAL B 286 -16.11 4.27 5.23
N ARG B 287 -16.03 3.28 4.34
CA ARG B 287 -17.00 3.14 3.26
C ARG B 287 -17.45 1.69 3.15
N ARG B 288 -18.69 1.51 2.70
CA ARG B 288 -19.23 0.18 2.42
C ARG B 288 -18.57 -0.43 1.18
N ASP B 289 -18.08 -1.66 1.31
CA ASP B 289 -17.53 -2.32 0.13
C ASP B 289 -18.63 -3.17 -0.52
N ALA B 290 -18.26 -4.06 -1.44
CA ALA B 290 -19.28 -4.83 -2.16
C ALA B 290 -19.92 -5.91 -1.33
N TRP B 291 -19.42 -6.17 -0.12
CA TRP B 291 -20.09 -7.03 0.84
C TRP B 291 -20.92 -6.25 1.83
N TRP B 292 -21.00 -4.92 1.67
CA TRP B 292 -21.66 -4.00 2.58
C TRP B 292 -20.96 -3.93 3.93
N ASP B 293 -19.69 -4.32 3.99
CA ASP B 293 -18.92 -4.11 5.21
C ASP B 293 -18.28 -2.73 5.20
N PRO B 294 -18.23 -2.06 6.36
CA PRO B 294 -17.51 -0.78 6.49
C PRO B 294 -16.02 -1.03 6.55
N VAL B 295 -15.31 -0.56 5.51
CA VAL B 295 -13.88 -0.77 5.40
C VAL B 295 -13.21 0.60 5.24
N LEU B 296 -11.93 0.65 5.61
CA LEU B 296 -11.13 1.87 5.48
C LEU B 296 -10.55 1.97 4.09
N THR B 297 -10.59 3.17 3.52
CA THR B 297 -10.01 3.32 2.20
C THR B 297 -9.38 4.72 2.11
N PRO B 298 -8.15 4.82 1.60
CA PRO B 298 -7.47 6.12 1.59
C PRO B 298 -8.06 7.05 0.54
N ILE B 299 -8.05 8.35 0.87
CA ILE B 299 -8.46 9.38 -0.07
C ILE B 299 -7.32 10.30 -0.45
N HIS B 300 -6.47 10.68 0.50
CA HIS B 300 -5.33 11.54 0.24
C HIS B 300 -4.11 11.04 0.97
N HIS B 301 -2.95 11.16 0.32
CA HIS B 301 -1.67 10.73 0.88
C HIS B 301 -0.69 11.88 0.71
N PHE B 302 0.24 11.99 1.67
CA PHE B 302 1.22 13.06 1.71
C PHE B 302 2.56 12.49 2.18
N THR B 303 3.67 13.03 1.64
CA THR B 303 4.98 12.65 2.16
C THR B 303 5.79 13.92 2.44
N GLU B 304 6.63 13.82 3.46
CA GLU B 304 7.58 14.87 3.82
C GLU B 304 8.93 14.18 3.94
N PRO B 305 9.76 14.23 2.92
CA PRO B 305 11.08 13.61 3.03
C PRO B 305 12.01 14.46 3.88
N GLY B 306 13.00 13.80 4.50
CA GLY B 306 14.05 14.54 5.19
C GLY B 306 14.86 15.36 4.19
N THR B 307 15.73 16.22 4.70
CA THR B 307 16.06 16.39 6.11
C THR B 307 15.95 17.88 6.45
N PRO B 308 15.45 18.23 7.65
CA PRO B 308 15.02 17.40 8.78
C PRO B 308 13.74 16.64 8.51
N VAL B 309 13.50 15.60 9.29
CA VAL B 309 12.35 14.75 9.09
C VAL B 309 11.47 14.86 10.32
N PHE B 310 10.18 14.55 10.13
CA PHE B 310 9.19 14.50 11.19
C PHE B 310 9.31 13.14 11.89
N ASP B 311 9.77 13.16 13.14
CA ASP B 311 9.98 11.96 13.94
C ASP B 311 8.98 11.91 15.09
N GLY B 312 8.60 10.71 15.50
CA GLY B 312 7.80 10.52 16.70
C GLY B 312 6.44 11.21 16.65
N CYS B 313 5.80 11.21 15.49
CA CYS B 313 4.51 11.88 15.36
C CYS B 313 3.43 11.16 16.14
N SER B 314 2.66 11.90 16.93
CA SER B 314 1.39 11.41 17.42
C SER B 314 0.29 11.70 16.40
N LEU B 315 -0.87 11.07 16.59
CA LEU B 315 -1.91 11.23 15.58
C LEU B 315 -3.28 11.09 16.24
N THR B 316 -4.20 11.97 15.85
CA THR B 316 -5.60 11.89 16.23
C THR B 316 -6.43 12.53 15.12
N VAL B 317 -7.73 12.27 15.14
CA VAL B 317 -8.65 12.86 14.18
C VAL B 317 -9.63 13.74 14.94
N GLN B 318 -9.70 15.01 14.54
CA GLN B 318 -10.61 16.01 15.12
C GLN B 318 -11.55 16.41 13.99
N ASN B 319 -12.80 15.94 14.06
CA ASN B 319 -13.82 16.22 13.06
C ASN B 319 -13.35 15.71 11.69
N GLN B 320 -13.11 16.61 10.75
CA GLN B 320 -12.66 16.20 9.42
C GLN B 320 -11.15 16.36 9.23
N THR B 321 -10.41 16.60 10.31
CA THR B 321 -9.00 16.95 10.20
C THR B 321 -8.14 16.04 11.08
N ALA B 322 -7.06 15.51 10.49
CA ALA B 322 -6.07 14.77 11.26
C ALA B 322 -5.08 15.76 11.85
N LEU B 323 -4.65 15.49 13.07
CA LEU B 323 -3.67 16.33 13.79
C LEU B 323 -2.49 15.46 14.16
N ALA B 324 -1.29 15.90 13.80
CA ALA B 324 -0.06 15.24 14.19
C ALA B 324 0.87 16.24 14.85
N LEU B 325 1.41 15.89 16.00
CA LEU B 325 2.45 16.67 16.66
C LEU B 325 3.75 15.90 16.56
N CYS B 326 4.76 16.52 15.96
CA CYS B 326 5.96 15.79 15.57
C CYS B 326 7.21 16.54 16.04
N THR B 327 8.33 15.82 16.07
CA THR B 327 9.64 16.38 16.38
C THR B 327 10.48 16.47 15.11
N LEU B 328 11.04 17.65 14.85
CA LEU B 328 11.88 17.86 13.68
C LEU B 328 13.31 17.48 14.04
N THR B 329 13.91 16.57 13.26
CA THR B 329 15.21 16.02 13.63
C THR B 329 16.05 15.74 12.39
N THR B 330 17.36 15.71 12.60
CA THR B 330 18.31 15.34 11.55
C THR B 330 18.65 13.85 11.59
N ASP B 331 19.26 13.40 12.68
CA ASP B 331 19.68 12.00 12.82
C ASP B 331 18.85 11.24 13.86
N GLY B 332 17.70 11.77 14.26
CA GLY B 332 16.93 11.19 15.33
C GLY B 332 17.17 11.95 16.61
N PRO B 333 16.15 12.05 17.45
CA PRO B 333 16.26 12.94 18.63
C PRO B 333 17.42 12.59 19.56
N GLU B 334 17.63 11.31 19.88
CA GLU B 334 18.72 10.98 20.81
C GLU B 334 20.08 11.27 20.20
N THR B 335 20.26 10.97 18.91
CA THR B 335 21.52 11.27 18.27
C THR B 335 21.74 12.78 18.14
N ASP B 336 20.69 13.53 17.80
CA ASP B 336 20.82 14.99 17.73
C ASP B 336 21.21 15.55 19.08
N ILE B 337 20.54 15.09 20.13
CA ILE B 337 20.85 15.56 21.48
C ILE B 337 22.30 15.23 21.84
N HIS B 338 22.73 14.00 21.56
CA HIS B 338 24.11 13.60 21.84
C HIS B 338 25.11 14.47 21.08
N ASN B 339 24.78 14.85 19.85
CA ASN B 339 25.68 15.67 19.04
C ASN B 339 25.63 17.15 19.41
N GLY B 340 24.84 17.53 20.39
CA GLY B 340 24.73 18.93 20.77
C GLY B 340 23.85 19.76 19.87
N ALA B 341 23.01 19.14 19.05
CA ALA B 341 22.09 19.88 18.20
C ALA B 341 20.78 20.13 18.94
N SER B 342 20.02 21.09 18.41
CA SER B 342 18.69 21.36 18.95
C SER B 342 17.63 20.67 18.10
N LEU B 343 16.43 20.58 18.66
CA LEU B 343 15.29 19.94 18.00
C LEU B 343 14.18 20.96 17.83
N GLY B 344 13.32 20.72 16.84
CA GLY B 344 12.12 21.50 16.67
C GLY B 344 10.88 20.66 16.95
N LEU B 345 9.75 21.34 17.02
CA LEU B 345 8.44 20.71 17.11
C LEU B 345 7.59 21.24 15.96
N ALA B 346 6.61 20.45 15.56
CA ALA B 346 5.74 20.87 14.46
C ALA B 346 4.35 20.32 14.70
N LEU B 347 3.35 21.12 14.38
CA LEU B 347 1.96 20.70 14.37
C LEU B 347 1.52 20.56 12.93
N VAL B 348 1.05 19.38 12.55
CA VAL B 348 0.66 19.07 11.18
C VAL B 348 -0.84 18.84 11.18
N HIS B 349 -1.54 19.46 10.22
CA HIS B 349 -2.96 19.23 9.99
C HIS B 349 -3.16 18.81 8.54
N PHE B 350 -4.11 17.92 8.32
CA PHE B 350 -4.52 17.59 6.95
C PHE B 350 -5.95 17.09 7.02
N ASN B 351 -6.76 17.47 6.03
CA ASN B 351 -8.20 17.19 6.14
C ASN B 351 -8.69 16.37 4.96
N ILE B 352 -9.98 16.02 5.02
CA ILE B 352 -10.56 15.12 4.05
C ILE B 352 -10.72 15.79 2.69
N ARG B 353 -10.63 17.11 2.64
CA ARG B 353 -10.64 17.83 1.38
C ARG B 353 -9.27 17.81 0.71
N GLY B 354 -8.24 17.33 1.39
CA GLY B 354 -6.90 17.25 0.83
C GLY B 354 -6.00 18.41 1.18
N GLU B 355 -6.44 19.32 2.04
CA GLU B 355 -5.62 20.45 2.46
C GLU B 355 -4.60 19.98 3.48
N PHE B 356 -3.40 20.54 3.43
CA PHE B 356 -2.31 20.13 4.31
C PHE B 356 -1.60 21.37 4.83
N SER B 357 -1.33 21.39 6.14
CA SER B 357 -0.65 22.48 6.82
C SER B 357 0.41 21.93 7.77
N LYS B 358 1.56 22.60 7.83
CA LYS B 358 2.56 22.31 8.86
C LYS B 358 3.02 23.64 9.45
N HIS B 359 3.09 23.70 10.78
CA HIS B 359 3.49 24.90 11.50
C HIS B 359 4.52 24.53 12.54
N LYS B 360 5.69 25.17 12.49
CA LYS B 360 6.68 24.99 13.53
C LYS B 360 6.11 25.49 14.86
N VAL B 361 6.39 24.73 15.92
CA VAL B 361 6.02 25.11 17.28
C VAL B 361 7.31 25.43 18.01
N ASP B 362 7.47 26.68 18.38
CA ASP B 362 8.64 27.11 19.12
C ASP B 362 8.56 26.61 20.55
N PRO B 363 9.46 25.73 21.00
CA PRO B 363 9.39 25.27 22.40
C PRO B 363 9.45 26.39 23.41
N ARG B 364 9.86 27.61 23.02
CA ARG B 364 9.82 28.75 23.92
C ARG B 364 8.39 29.09 24.32
N ASN B 365 7.40 28.70 23.52
CA ASN B 365 6.01 28.92 23.83
C ASN B 365 5.39 27.77 24.62
N ILE B 366 6.16 26.73 24.94
CA ILE B 366 5.69 25.62 25.75
C ILE B 366 6.21 25.81 27.17
N ASP B 367 5.30 25.89 28.13
CA ASP B 367 5.70 26.07 29.53
C ASP B 367 6.30 24.76 30.07
N THR B 368 7.55 24.82 30.52
CA THR B 368 8.19 23.68 31.19
C THR B 368 8.63 24.04 32.61
N GLN B 369 8.07 25.11 33.18
CA GLN B 369 8.52 25.63 34.47
C GLN B 369 10.04 25.86 34.45
N ASN B 370 10.53 26.28 33.28
CA ASN B 370 11.93 26.60 33.05
C ASN B 370 12.85 25.40 33.33
N GLN B 371 12.34 24.18 33.18
CA GLN B 371 13.13 22.98 33.38
C GLN B 371 13.53 22.28 32.08
N GLY B 372 12.81 22.54 30.99
CA GLY B 372 13.04 21.78 29.76
C GLY B 372 14.27 22.28 29.00
N LEU B 373 15.13 21.35 28.63
CA LEU B 373 16.24 21.64 27.72
C LEU B 373 16.02 21.10 26.32
N HIS B 374 15.33 19.98 26.20
CA HIS B 374 14.89 19.43 24.91
C HIS B 374 13.51 18.82 25.10
N LEU B 375 12.67 18.96 24.08
CA LEU B 375 11.33 18.38 24.06
C LEU B 375 11.22 17.43 22.88
N VAL B 376 10.74 16.21 23.14
CA VAL B 376 10.66 15.19 22.10
C VAL B 376 9.28 14.55 22.15
N THR B 377 8.60 14.50 21.02
CA THR B 377 7.39 13.71 20.89
C THR B 377 7.74 12.26 20.58
N THR B 378 6.90 11.36 21.04
CA THR B 378 7.08 9.96 20.70
C THR B 378 5.82 9.44 20.02
N ALA B 379 6.00 8.45 19.15
CA ALA B 379 4.93 8.02 18.28
C ALA B 379 3.84 7.27 19.05
N GLY B 380 2.60 7.65 18.80
CA GLY B 380 1.46 6.98 19.41
C GLY B 380 0.22 7.82 19.22
N LYS B 381 -0.88 7.28 19.73
CA LYS B 381 -2.16 7.99 19.67
C LYS B 381 -2.18 9.17 20.64
N SER B 382 -2.67 10.30 20.15
CA SER B 382 -2.97 11.47 20.96
C SER B 382 -4.48 11.54 21.21
N ALA B 383 -4.90 12.52 22.01
CA ALA B 383 -6.32 12.72 22.28
C ALA B 383 -6.59 14.21 22.44
N VAL B 384 -7.77 14.64 21.99
CA VAL B 384 -8.22 16.01 22.14
C VAL B 384 -9.42 16.02 23.07
N LYS B 385 -9.32 16.77 24.16
CA LYS B 385 -10.43 17.05 25.07
C LYS B 385 -10.57 18.55 25.24
N LYS B 386 -11.78 19.05 25.03
CA LYS B 386 -12.10 20.47 25.22
C LYS B 386 -11.09 21.37 24.52
N GLY B 387 -10.72 20.98 23.30
CA GLY B 387 -9.84 21.79 22.50
C GLY B 387 -8.37 21.72 22.85
N ILE B 388 -7.97 20.81 23.74
CA ILE B 388 -6.58 20.65 24.15
C ILE B 388 -6.07 19.31 23.62
N LEU B 389 -4.95 19.34 22.92
CA LEU B 389 -4.31 18.13 22.41
C LEU B 389 -3.32 17.59 23.45
N TYR B 390 -3.48 16.31 23.80
CA TYR B 390 -2.62 15.62 24.75
C TYR B 390 -1.82 14.55 24.02
N SER B 391 -0.51 14.47 24.27
CA SER B 391 0.29 13.43 23.65
C SER B 391 1.53 13.17 24.50
N PHE B 392 2.01 11.93 24.45
CA PHE B 392 3.18 11.54 25.22
C PHE B 392 4.47 12.06 24.59
N GLY B 393 5.47 12.23 25.43
CA GLY B 393 6.80 12.56 24.95
C GLY B 393 7.83 12.43 26.05
N TYR B 394 8.98 13.02 25.83
CA TYR B 394 9.94 13.13 26.92
C TYR B 394 10.66 14.46 26.85
N MET B 395 11.30 14.80 27.95
CA MET B 395 11.91 16.12 28.14
C MET B 395 13.24 15.91 28.82
N VAL B 396 14.33 16.41 28.20
CA VAL B 396 15.62 16.48 28.85
C VAL B 396 15.62 17.67 29.79
N THR B 397 16.06 17.46 31.04
CA THR B 397 15.99 18.48 32.07
C THR B 397 17.38 18.84 32.59
N ARG B 398 17.44 19.97 33.31
CA ARG B 398 18.70 20.37 33.92
C ARG B 398 19.09 19.46 35.07
N SER B 399 18.11 19.07 35.89
CA SER B 399 18.37 18.32 37.11
C SER B 399 17.73 16.93 37.03
N PRO B 400 18.36 15.94 37.66
CA PRO B 400 17.77 14.59 37.66
C PRO B 400 16.49 14.55 38.49
N GLU B 401 15.58 13.72 38.03
CA GLU B 401 14.31 13.52 38.71
C GLU B 401 14.51 12.60 39.91
N PRO B 402 14.17 13.02 41.12
CA PRO B 402 14.33 12.13 42.27
C PRO B 402 13.26 11.06 42.28
N GLY B 403 13.49 10.04 43.09
CA GLY B 403 12.53 8.97 43.26
C GLY B 403 12.96 7.71 42.55
N ASP B 404 12.41 6.59 43.03
CA ASP B 404 12.67 5.31 42.41
C ASP B 404 11.75 5.10 41.21
N SER B 405 12.28 4.43 40.20
CA SER B 405 11.45 3.99 39.10
C SER B 405 10.50 2.90 39.59
N LYS B 406 9.32 2.84 38.95
CA LYS B 406 8.39 1.77 39.25
C LYS B 406 9.06 0.43 38.99
N CYS B 407 8.78 -0.56 39.85
CA CYS B 407 9.52 -1.80 39.81
C CYS B 407 8.57 -2.96 40.12
N VAL B 408 9.16 -4.15 40.28
CA VAL B 408 8.43 -5.39 40.50
C VAL B 408 9.06 -6.13 41.67
N THR B 409 8.26 -6.98 42.31
CA THR B 409 8.77 -7.80 43.40
C THR B 409 8.99 -9.26 42.99
N GLU B 410 8.97 -9.56 41.69
CA GLU B 410 9.20 -10.94 41.29
C GLU B 410 10.59 -11.40 41.70
N GLU B 411 10.69 -12.65 42.15
CA GLU B 411 11.97 -13.18 42.58
C GLU B 411 12.86 -13.39 41.36
N CYS B 412 13.89 -12.56 41.24
CA CYS B 412 14.77 -12.55 40.07
C CYS B 412 16.23 -12.73 40.44
N ASN B 413 16.53 -13.10 41.69
CA ASN B 413 17.91 -13.32 42.14
C ASN B 413 18.77 -12.08 41.90
N GLN B 414 18.24 -10.93 42.29
CA GLN B 414 18.93 -9.67 42.07
C GLN B 414 18.21 -8.60 42.89
N ASN B 415 18.86 -7.45 42.98
CA ASN B 415 18.26 -6.27 43.61
C ASN B 415 17.38 -5.62 42.55
N ASN B 416 16.07 -5.88 42.61
CA ASN B 416 15.19 -5.39 41.53
C ASN B 416 15.20 -3.87 41.47
N GLN B 417 15.05 -3.20 42.62
CA GLN B 417 14.92 -1.74 42.57
C GLN B 417 16.17 -1.09 42.00
N GLU B 418 17.35 -1.61 42.35
CA GLU B 418 18.58 -1.09 41.79
C GLU B 418 18.61 -1.28 40.28
N LYS B 419 18.25 -2.48 39.82
CA LYS B 419 18.22 -2.74 38.38
C LYS B 419 17.14 -1.90 37.70
N CYS B 420 15.98 -1.73 38.34
CA CYS B 420 14.94 -0.90 37.76
C CYS B 420 15.43 0.51 37.51
N ASN B 421 16.03 1.13 38.53
CA ASN B 421 16.55 2.48 38.34
C ASN B 421 17.63 2.52 37.25
N ALA B 422 18.54 1.54 37.25
CA ALA B 422 19.67 1.58 36.32
C ALA B 422 19.21 1.45 34.88
N TYR B 423 18.16 0.67 34.64
CA TYR B 423 17.74 0.35 33.28
C TYR B 423 16.49 1.13 32.87
N SER B 424 16.12 2.15 33.64
CA SER B 424 14.88 2.89 33.42
C SER B 424 14.92 3.79 32.19
N LYS B 425 16.09 3.98 31.57
CA LYS B 425 16.25 4.87 30.42
C LYS B 425 15.89 6.31 30.76
N THR B 426 16.03 6.69 32.03
CA THR B 426 15.76 8.07 32.43
C THR B 426 17.00 8.97 32.34
N THR B 427 18.08 8.48 31.73
CA THR B 427 19.22 9.32 31.44
C THR B 427 19.69 9.03 30.01
N LEU B 428 20.00 10.09 29.28
CA LEU B 428 20.67 9.98 28.00
C LEU B 428 22.15 10.23 28.21
N ASP B 429 22.99 9.46 27.51
CA ASP B 429 24.43 9.66 27.65
C ASP B 429 24.77 9.46 29.13
N PRO B 430 25.77 10.14 29.75
CA PRO B 430 25.86 10.02 31.21
C PRO B 430 25.31 11.20 32.00
N ASP B 431 25.26 12.38 31.39
CA ASP B 431 24.93 13.62 32.11
C ASP B 431 23.57 14.22 31.74
N LYS B 432 22.71 13.50 31.03
CA LYS B 432 21.47 14.08 30.50
C LYS B 432 20.25 13.35 31.06
N PRO B 433 19.71 13.82 32.18
CA PRO B 433 18.47 13.21 32.69
C PRO B 433 17.28 13.59 31.82
N ARG B 434 16.32 12.67 31.73
CA ARG B 434 15.09 12.97 31.01
C ARG B 434 13.89 12.40 31.75
N SER B 435 12.75 13.09 31.57
CA SER B 435 11.49 12.74 32.21
C SER B 435 10.43 12.49 31.15
N MET B 436 9.55 11.53 31.42
CA MET B 436 8.37 11.40 30.59
C MET B 436 7.47 12.60 30.79
N ILE B 437 6.80 13.03 29.71
CA ILE B 437 5.89 14.16 29.77
C ILE B 437 4.63 13.86 28.96
N ILE B 438 3.59 14.63 29.25
CA ILE B 438 2.43 14.74 28.38
C ILE B 438 2.34 16.19 27.92
N PHE B 439 2.38 16.39 26.60
CA PHE B 439 2.13 17.71 26.01
C PHE B 439 0.67 18.10 26.15
N GLN B 440 0.42 19.39 26.37
CA GLN B 440 -0.92 19.98 26.29
C GLN B 440 -0.84 21.18 25.36
N ILE B 441 -1.41 21.04 24.15
CA ILE B 441 -1.37 22.05 23.10
C ILE B 441 -2.79 22.49 22.76
N ASP B 442 -3.01 23.81 22.78
CA ASP B 442 -4.30 24.39 22.40
C ASP B 442 -4.55 24.16 20.91
N VAL B 443 -5.56 23.36 20.58
CA VAL B 443 -5.96 23.20 19.18
C VAL B 443 -7.38 23.72 18.95
N GLY B 444 -7.88 24.58 19.84
CA GLY B 444 -9.17 25.19 19.66
C GLY B 444 -10.00 25.29 20.92
N ALA B 445 -9.34 25.47 22.07
CA ALA B 445 -10.07 25.60 23.32
C ALA B 445 -10.88 26.89 23.35
N GLU B 446 -12.03 26.81 24.01
CA GLU B 446 -12.93 27.95 24.20
C GLU B 446 -12.42 28.94 25.24
N TYR B 447 -11.48 28.54 26.07
CA TYR B 447 -10.94 29.34 27.16
C TYR B 447 -9.43 29.54 26.98
N PHE B 448 -8.91 30.60 27.61
CA PHE B 448 -7.48 30.90 27.50
C PHE B 448 -6.64 29.87 28.25
N THR B 449 -5.64 29.31 27.57
CA THR B 449 -4.74 28.30 28.13
C THR B 449 -3.31 28.55 27.69
N VAL B 450 -2.36 28.15 28.55
CA VAL B 450 -0.94 28.15 28.21
C VAL B 450 -0.53 26.75 27.75
N ASP B 451 0.02 26.65 26.55
CA ASP B 451 0.61 25.38 26.12
C ASP B 451 1.74 25.00 27.06
N LYS B 452 1.80 23.72 27.44
CA LYS B 452 2.70 23.29 28.51
C LYS B 452 3.00 21.81 28.36
N VAL B 453 3.97 21.36 29.16
CA VAL B 453 4.19 19.95 29.40
C VAL B 453 3.89 19.70 30.87
N VAL B 454 3.43 18.50 31.17
CA VAL B 454 3.25 18.05 32.54
C VAL B 454 4.06 16.77 32.70
N VAL B 455 4.82 16.69 33.78
CA VAL B 455 5.73 15.57 33.96
C VAL B 455 4.93 14.35 34.38
N VAL B 456 5.23 13.22 33.74
CA VAL B 456 4.82 11.91 34.24
C VAL B 456 5.98 11.39 35.07
N PRO B 457 5.89 11.43 36.39
CA PRO B 457 7.05 11.08 37.23
C PRO B 457 7.48 9.64 37.02
N ARG B 458 8.78 9.39 37.21
CA ARG B 458 9.38 8.09 36.98
C ARG B 458 8.82 7.01 37.89
N THR B 459 8.16 7.38 39.00
CA THR B 459 7.43 6.43 39.83
C THR B 459 6.22 5.81 39.11
N GLN B 460 5.81 6.36 37.96
CA GLN B 460 4.57 5.94 37.32
C GLN B 460 4.78 4.90 36.23
N TYR B 461 6.04 4.61 35.87
CA TYR B 461 6.32 3.71 34.77
C TYR B 461 7.62 2.98 35.06
N TYR B 462 7.88 1.91 34.29
CA TYR B 462 9.06 1.08 34.51
C TYR B 462 10.26 1.61 33.73
N GLN B 463 10.14 1.70 32.41
CA GLN B 463 11.18 2.30 31.56
C GLN B 463 10.56 3.39 30.72
N LEU B 464 11.31 4.46 30.51
CA LEU B 464 10.85 5.55 29.65
C LEU B 464 10.56 4.99 28.26
N THR B 465 9.36 5.27 27.75
CA THR B 465 8.92 4.63 26.51
C THR B 465 7.81 5.50 25.92
N SER B 466 7.32 5.08 24.75
CA SER B 466 6.21 5.75 24.10
C SER B 466 4.88 5.18 24.59
N GLY B 467 3.79 5.79 24.17
CA GLY B 467 2.49 5.26 24.55
C GLY B 467 1.38 5.87 23.74
N ASP B 468 0.15 5.44 24.08
CA ASP B 468 -1.09 5.91 23.48
C ASP B 468 -1.97 6.58 24.54
N LEU B 469 -2.65 7.64 24.15
CA LEU B 469 -3.69 8.26 24.96
C LEU B 469 -5.03 8.09 24.27
N PHE B 470 -6.03 7.57 25.00
CA PHE B 470 -7.32 7.23 24.41
C PHE B 470 -8.40 8.20 24.92
N TYR B 471 -9.00 8.93 24.01
CA TYR B 471 -10.14 9.78 24.33
C TYR B 471 -11.33 8.92 24.77
N THR B 472 -11.99 9.33 25.86
CA THR B 472 -13.16 8.61 26.37
C THR B 472 -14.38 9.53 26.52
N GLY B 473 -14.27 10.79 26.09
CA GLY B 473 -15.36 11.75 26.25
C GLY B 473 -14.88 13.06 26.85
N GLU B 474 -15.65 14.13 26.67
CA GLU B 474 -15.20 15.43 27.11
C GLU B 474 -15.03 15.50 28.62
N GLU B 475 -15.82 14.74 29.37
CA GLU B 475 -15.85 14.79 30.82
C GLU B 475 -15.36 13.51 31.48
N ASN B 476 -14.63 12.67 30.76
CA ASN B 476 -14.12 11.43 31.32
C ASN B 476 -12.60 11.42 31.29
N ASP B 477 -12.00 10.74 32.28
CA ASP B 477 -10.55 10.62 32.31
C ASP B 477 -10.02 9.93 31.05
N LEU B 478 -8.89 10.43 30.55
CA LEU B 478 -8.23 9.73 29.46
C LEU B 478 -7.78 8.36 29.93
N LEU B 479 -7.76 7.41 29.01
CA LEU B 479 -7.08 6.14 29.25
C LEU B 479 -5.72 6.19 28.57
N TYR B 480 -4.84 5.26 28.97
CA TYR B 480 -3.50 5.24 28.38
C TYR B 480 -3.03 3.81 28.23
N GLN B 481 -2.02 3.64 27.38
CA GLN B 481 -1.19 2.47 27.36
C GLN B 481 0.25 2.89 27.13
N LEU B 482 1.19 2.23 27.80
CA LEU B 482 2.61 2.40 27.48
C LEU B 482 3.07 1.21 26.65
N HIS B 483 4.04 1.46 25.76
CA HIS B 483 4.47 0.46 24.80
C HIS B 483 5.60 -0.40 25.36
N ASN B 484 5.44 -1.73 25.28
CA ASN B 484 6.42 -2.67 25.82
C ASN B 484 7.62 -2.75 24.89
N LYS B 485 8.65 -1.98 25.19
CA LYS B 485 9.87 -1.97 24.39
C LYS B 485 11.11 -2.29 25.23
N GLY B 486 10.91 -2.94 26.39
CA GLY B 486 12.00 -3.30 27.27
C GLY B 486 11.80 -4.65 27.92
N TRP B 487 11.97 -4.71 29.26
CA TRP B 487 11.94 -5.97 29.98
C TRP B 487 10.57 -6.31 30.57
N TYR B 488 9.72 -5.31 30.82
CA TYR B 488 8.41 -5.58 31.41
C TYR B 488 7.51 -6.21 30.34
N ASN B 489 6.92 -7.37 30.64
CA ASN B 489 6.29 -8.17 29.59
C ASN B 489 4.80 -8.43 29.82
N LYS B 490 4.13 -7.62 30.62
CA LYS B 490 2.68 -7.65 30.74
C LYS B 490 2.10 -6.33 30.22
N PRO B 491 0.79 -6.28 29.95
CA PRO B 491 0.18 -5.02 29.50
C PRO B 491 0.37 -3.92 30.55
N ILE B 492 0.64 -2.71 30.05
CA ILE B 492 0.80 -1.52 30.88
C ILE B 492 -0.27 -0.53 30.40
N ARG B 493 -1.37 -0.44 31.13
CA ARG B 493 -2.46 0.40 30.66
C ARG B 493 -3.34 0.76 31.83
N GLY B 494 -4.17 1.78 31.61
CA GLY B 494 -5.11 2.17 32.64
C GLY B 494 -5.66 3.55 32.40
N ARG B 495 -5.76 4.33 33.47
CA ARG B 495 -6.41 5.63 33.46
C ARG B 495 -5.40 6.72 33.84
N VAL B 496 -5.50 7.88 33.20
CA VAL B 496 -4.63 9.02 33.49
C VAL B 496 -5.42 10.08 34.25
N THR B 497 -4.83 10.63 35.31
CA THR B 497 -5.39 11.83 35.92
C THR B 497 -4.29 12.88 36.04
N PHE B 498 -4.73 14.13 36.18
CA PHE B 498 -3.83 15.28 36.18
C PHE B 498 -3.92 16.15 37.43
N ASP B 499 -5.02 16.10 38.18
CA ASP B 499 -5.12 17.02 39.31
C ASP B 499 -3.94 16.76 40.24
N GLY B 500 -2.94 17.63 40.16
CA GLY B 500 -1.71 17.49 40.92
C GLY B 500 -0.65 16.66 40.25
N GLN B 501 -0.22 17.04 39.03
CA GLN B 501 0.79 16.31 38.26
C GLN B 501 0.22 14.95 37.82
N VAL B 502 0.87 14.28 36.87
CA VAL B 502 0.28 13.12 36.21
C VAL B 502 0.38 11.86 37.07
N THR B 503 -0.75 11.17 37.25
CA THR B 503 -0.78 9.85 37.82
C THR B 503 -1.24 8.87 36.75
N LEU B 504 -0.46 7.80 36.54
CA LEU B 504 -0.85 6.69 35.68
C LEU B 504 -1.42 5.60 36.57
N HIS B 505 -2.75 5.45 36.54
CA HIS B 505 -3.42 4.44 37.35
C HIS B 505 -3.38 3.15 36.56
N GLU B 506 -2.40 2.30 36.85
CA GLU B 506 -2.11 1.14 36.03
C GLU B 506 -2.99 -0.02 36.46
N HIS B 507 -3.67 -0.64 35.50
CA HIS B 507 -4.54 -1.75 35.78
C HIS B 507 -3.73 -3.02 36.02
N SER B 508 -4.28 -3.91 36.85
CA SER B 508 -3.67 -5.21 37.12
C SER B 508 -4.05 -6.15 35.98
N ARG B 509 -3.11 -6.39 35.07
CA ARG B 509 -3.39 -7.14 33.85
C ARG B 509 -2.29 -8.17 33.67
N THR B 510 -2.66 -9.45 33.65
CA THR B 510 -1.71 -10.55 33.53
C THR B 510 -2.12 -11.57 32.49
N TYR B 511 -3.30 -11.42 31.88
CA TYR B 511 -3.82 -12.46 30.99
C TYR B 511 -3.02 -12.56 29.70
N ASP B 512 -2.32 -11.49 29.30
CA ASP B 512 -1.44 -11.50 28.14
C ASP B 512 0.00 -11.37 28.64
N SER B 513 0.90 -12.13 28.06
CA SER B 513 2.32 -11.99 28.39
C SER B 513 3.11 -11.98 27.09
N LEU B 514 4.03 -11.02 27.00
CA LEU B 514 4.87 -10.88 25.82
C LEU B 514 6.15 -11.70 25.99
N SER B 515 6.69 -12.17 24.87
CA SER B 515 7.85 -13.03 24.96
C SER B 515 8.78 -12.78 23.78
N ASN B 516 10.02 -13.20 23.95
CA ASN B 516 11.02 -13.17 22.90
C ASN B 516 11.34 -14.58 22.43
N GLN B 517 11.93 -14.66 21.23
CA GLN B 517 12.41 -15.93 20.71
C GLN B 517 13.58 -16.44 21.53
N ARG B 518 14.47 -15.55 21.94
CA ARG B 518 15.61 -15.92 22.77
C ARG B 518 15.34 -15.42 24.18
N ALA B 519 15.48 -16.33 25.15
CA ALA B 519 15.19 -15.97 26.53
C ALA B 519 16.23 -14.99 27.05
N CYS B 520 15.84 -14.23 28.05
CA CYS B 520 16.74 -13.30 28.73
C CYS B 520 17.14 -13.89 30.08
N ASN B 521 18.33 -13.53 30.54
CA ASN B 521 18.79 -13.90 31.87
C ASN B 521 19.12 -12.59 32.57
N PRO B 522 18.30 -12.12 33.53
CA PRO B 522 17.09 -12.77 34.04
C PRO B 522 15.91 -12.74 33.06
N ARG B 523 14.91 -13.60 33.29
CA ARG B 523 13.80 -13.74 32.35
C ARG B 523 13.03 -12.43 32.22
N LEU B 524 12.35 -12.27 31.08
CA LEU B 524 11.46 -11.13 30.90
C LEU B 524 10.44 -11.08 32.02
N GLY B 525 10.07 -9.87 32.43
CA GLY B 525 9.35 -9.64 33.66
C GLY B 525 10.23 -9.28 34.83
N CYS B 526 11.53 -9.54 34.73
CA CYS B 526 12.60 -9.17 35.64
C CYS B 526 13.39 -8.03 35.05
N PRO B 527 13.72 -7.02 35.86
CA PRO B 527 14.47 -5.86 35.33
C PRO B 527 15.79 -6.32 34.71
N SER B 528 16.03 -5.86 33.48
CA SER B 528 17.22 -6.25 32.74
C SER B 528 17.43 -5.26 31.60
N THR B 529 18.51 -5.47 30.84
CA THR B 529 18.74 -4.71 29.63
C THR B 529 18.23 -5.41 28.38
N CYS B 530 17.50 -6.52 28.53
CA CYS B 530 16.87 -7.16 27.37
C CYS B 530 15.66 -6.37 26.91
N GLU B 531 15.35 -6.47 25.61
CA GLU B 531 14.25 -5.69 25.08
C GLU B 531 13.36 -6.56 24.21
N LEU B 532 12.06 -6.48 24.45
CA LEU B 532 11.10 -7.18 23.62
C LEU B 532 11.24 -6.74 22.17
N THR B 533 11.32 -7.73 21.27
CA THR B 533 11.42 -7.44 19.83
C THR B 533 10.08 -7.08 19.22
N SER B 534 8.99 -7.38 19.92
CA SER B 534 7.65 -7.19 19.42
C SER B 534 6.84 -6.55 20.54
N MET B 535 6.02 -5.57 20.19
CA MET B 535 5.20 -4.89 21.19
C MET B 535 3.76 -5.42 21.15
N ALA B 536 2.92 -4.80 21.96
CA ALA B 536 1.50 -5.10 22.00
C ALA B 536 0.73 -3.79 21.90
N SER B 537 -0.37 -3.81 21.16
CA SER B 537 -1.28 -2.67 21.09
C SER B 537 -2.61 -3.07 21.71
N TYR B 538 -3.12 -2.24 22.62
CA TYR B 538 -4.43 -2.48 23.23
C TYR B 538 -5.36 -1.32 22.92
N PHE B 539 -6.66 -1.61 22.88
CA PHE B 539 -7.63 -0.55 22.64
C PHE B 539 -8.85 -0.75 23.54
N PRO B 540 -9.34 0.31 24.18
CA PRO B 540 -10.46 0.13 25.12
C PRO B 540 -11.78 -0.07 24.41
N LEU B 541 -12.56 -1.04 24.90
CA LEU B 541 -13.93 -1.26 24.44
C LEU B 541 -14.95 -0.50 25.27
N ASP B 542 -14.49 0.29 26.25
CA ASP B 542 -15.34 1.10 27.12
C ASP B 542 -14.44 2.12 27.81
N LYS B 543 -15.08 3.09 28.45
CA LYS B 543 -14.34 4.22 29.01
C LYS B 543 -13.55 3.85 30.24
N ASP B 544 -13.71 2.65 30.78
CA ASP B 544 -12.94 2.20 31.93
C ASP B 544 -11.78 1.28 31.56
N PHE B 545 -11.63 0.94 30.28
CA PHE B 545 -10.69 -0.10 29.85
C PHE B 545 -11.04 -1.44 30.49
N LYS B 546 -12.31 -1.61 30.85
CA LYS B 546 -12.73 -2.88 31.45
C LYS B 546 -12.54 -4.01 30.45
N ALA B 547 -13.03 -3.83 29.24
CA ALA B 547 -12.81 -4.77 28.16
C ALA B 547 -11.81 -4.17 27.17
N ALA B 548 -10.96 -5.03 26.60
CA ALA B 548 -9.89 -4.56 25.74
C ALA B 548 -9.68 -5.52 24.57
N VAL B 549 -9.31 -4.94 23.45
CA VAL B 549 -8.80 -5.69 22.30
C VAL B 549 -7.30 -5.49 22.27
N GLY B 550 -6.55 -6.55 21.96
CA GLY B 550 -5.11 -6.47 21.87
C GLY B 550 -4.59 -7.14 20.61
N VAL B 551 -3.45 -6.63 20.13
CA VAL B 551 -2.67 -7.28 19.08
C VAL B 551 -1.30 -7.58 19.67
N ILE B 552 -0.88 -8.84 19.62
CA ILE B 552 0.32 -9.30 20.29
C ILE B 552 0.87 -10.51 19.55
N ALA B 553 2.17 -10.78 19.72
CA ALA B 553 2.74 -12.02 19.19
C ALA B 553 2.39 -13.18 20.11
N LEU B 554 2.04 -14.32 19.51
CA LEU B 554 1.71 -15.51 20.28
C LEU B 554 2.93 -16.07 21.00
N ARG B 555 4.04 -16.20 20.28
CA ARG B 555 5.25 -16.82 20.82
C ARG B 555 6.42 -16.48 19.90
N ASN B 556 7.62 -16.40 20.49
CA ASN B 556 8.87 -16.19 19.75
C ASN B 556 8.88 -14.87 18.97
N GLY B 557 8.12 -13.87 19.42
CA GLY B 557 8.09 -12.61 18.70
C GLY B 557 7.48 -12.70 17.33
N MET B 558 6.68 -13.73 17.08
CA MET B 558 6.05 -13.89 15.78
C MET B 558 4.65 -14.44 15.98
N THR B 559 3.89 -14.50 14.87
CA THR B 559 2.52 -15.01 14.79
C THR B 559 1.55 -14.01 15.41
N PRO B 560 1.10 -13.00 14.64
CA PRO B 560 0.22 -11.97 15.21
C PRO B 560 -1.15 -12.53 15.54
N ILE B 561 -1.61 -12.27 16.76
CA ILE B 561 -2.92 -12.71 17.21
C ILE B 561 -3.66 -11.53 17.79
N ILE B 562 -4.97 -11.70 17.94
CA ILE B 562 -5.85 -10.73 18.59
C ILE B 562 -6.31 -11.32 19.91
N THR B 563 -6.21 -10.55 20.98
CA THR B 563 -6.73 -10.99 22.26
C THR B 563 -7.89 -10.08 22.68
N TYR B 564 -8.78 -10.63 23.50
CA TYR B 564 -10.03 -9.99 23.86
C TYR B 564 -10.25 -10.28 25.33
N SER B 565 -10.28 -9.24 26.16
CA SER B 565 -10.26 -9.40 27.61
C SER B 565 -11.45 -8.70 28.24
N THR B 566 -11.82 -9.18 29.42
CA THR B 566 -12.66 -8.45 30.38
C THR B 566 -11.97 -8.53 31.73
N ASP B 567 -11.75 -7.37 32.34
CA ASP B 567 -10.94 -7.25 33.55
C ASP B 567 -9.61 -7.95 33.35
N ASP B 568 -9.23 -8.91 34.20
CA ASP B 568 -7.98 -9.64 34.01
C ASP B 568 -8.21 -11.07 33.51
N TRP B 569 -9.15 -11.25 32.58
CA TRP B 569 -9.45 -12.55 32.02
C TRP B 569 -9.43 -12.46 30.50
N ARG B 570 -8.74 -13.39 29.85
CA ARG B 570 -8.75 -13.43 28.38
C ARG B 570 -9.98 -14.20 27.92
N ASN B 571 -10.92 -13.51 27.28
CA ASN B 571 -12.13 -14.17 26.79
C ASN B 571 -11.82 -15.12 25.64
N HIS B 572 -11.00 -14.67 24.69
CA HIS B 572 -10.58 -15.53 23.58
C HIS B 572 -9.34 -14.92 22.94
N TRP B 573 -8.74 -15.66 22.03
CA TRP B 573 -7.79 -15.09 21.10
C TRP B 573 -8.00 -15.70 19.71
N LYS B 574 -7.67 -14.91 18.69
CA LYS B 574 -7.86 -15.27 17.29
C LYS B 574 -6.60 -14.92 16.51
N TYR B 575 -6.37 -15.62 15.40
CA TYR B 575 -5.21 -15.33 14.56
C TYR B 575 -5.47 -14.11 13.69
N ILE B 576 -4.47 -13.24 13.60
CA ILE B 576 -4.33 -12.44 12.38
C ILE B 576 -3.69 -13.28 11.29
N LYS B 577 -2.60 -13.97 11.62
CA LYS B 577 -1.96 -14.88 10.68
C LYS B 577 -1.26 -16.00 11.43
N ASN B 578 -1.70 -17.25 11.20
CA ASN B 578 -1.07 -18.41 11.85
C ASN B 578 0.14 -18.80 11.02
N ALA B 579 1.21 -18.02 11.17
CA ALA B 579 2.46 -18.26 10.46
C ALA B 579 3.59 -17.70 11.30
N ASP B 580 4.81 -18.13 10.96
CA ASP B 580 6.00 -17.68 11.67
C ASP B 580 6.45 -16.31 11.17
N LEU B 581 5.56 -15.34 11.33
CA LEU B 581 5.75 -13.98 10.84
C LEU B 581 6.17 -13.08 12.00
N GLU B 582 7.41 -12.60 11.98
CA GLU B 582 7.85 -11.63 12.98
C GLU B 582 7.27 -10.27 12.67
N PHE B 583 6.88 -9.54 13.71
CA PHE B 583 6.51 -8.15 13.54
C PHE B 583 7.03 -7.35 14.72
N SER B 584 7.24 -6.06 14.49
CA SER B 584 7.94 -5.21 15.44
C SER B 584 7.05 -4.21 16.14
N GLU B 585 6.30 -3.41 15.38
CA GLU B 585 5.44 -2.39 15.92
C GLU B 585 4.00 -2.58 15.44
N SER B 586 3.07 -1.97 16.17
CA SER B 586 1.67 -2.10 15.84
C SER B 586 0.95 -0.84 16.29
N SER B 587 -0.22 -0.61 15.69
CA SER B 587 -1.18 0.39 16.14
C SER B 587 -2.57 -0.18 15.90
N LEU B 588 -3.50 0.06 16.82
CA LEU B 588 -4.81 -0.59 16.83
C LEU B 588 -5.89 0.44 17.13
N SER B 589 -6.98 0.41 16.36
CA SER B 589 -8.12 1.27 16.64
C SER B 589 -9.40 0.47 16.47
N CYS B 590 -10.33 0.64 17.41
CA CYS B 590 -11.63 0.00 17.30
C CYS B 590 -12.74 1.05 17.33
N TYR B 591 -13.81 0.76 16.60
CA TYR B 591 -14.83 1.75 16.33
C TYR B 591 -16.14 1.05 16.03
N SER B 592 -17.22 1.73 16.37
CA SER B 592 -18.54 1.19 16.15
C SER B 592 -19.22 1.98 15.04
N PRO B 593 -19.83 1.32 14.06
CA PRO B 593 -20.76 2.03 13.18
C PRO B 593 -21.83 2.72 14.01
N ASN B 594 -22.45 3.74 13.42
CA ASN B 594 -23.51 4.49 14.09
C ASN B 594 -24.70 4.62 13.15
N PRO B 595 -25.83 3.94 13.41
CA PRO B 595 -26.15 3.16 14.62
C PRO B 595 -25.33 1.88 14.76
N PRO B 596 -25.15 1.42 15.99
CA PRO B 596 -24.26 0.29 16.24
C PRO B 596 -24.86 -1.05 15.83
N LEU B 597 -23.96 -2.02 15.66
CA LEU B 597 -24.34 -3.41 15.51
C LEU B 597 -24.60 -4.02 16.89
N ASP B 598 -25.44 -5.05 16.91
CA ASP B 598 -25.87 -5.64 18.18
C ASP B 598 -24.73 -6.36 18.88
N ASP B 599 -23.96 -7.16 18.13
CA ASP B 599 -23.02 -8.12 18.71
C ASP B 599 -21.57 -7.84 18.37
N TYR B 600 -21.27 -6.83 17.55
CA TYR B 600 -19.91 -6.62 17.08
C TYR B 600 -19.56 -5.15 17.05
N VAL B 601 -18.25 -4.89 17.09
CA VAL B 601 -17.71 -3.61 16.66
C VAL B 601 -16.67 -3.91 15.58
N LEU B 602 -15.96 -2.89 15.13
CA LEU B 602 -14.90 -3.10 14.12
C LEU B 602 -13.56 -2.64 14.68
N CYS B 603 -12.50 -3.34 14.29
CA CYS B 603 -11.15 -2.94 14.62
C CYS B 603 -10.26 -2.99 13.38
N THR B 604 -9.27 -2.12 13.35
CA THR B 604 -8.22 -2.12 12.35
C THR B 604 -6.87 -2.07 13.06
N ALA B 605 -5.94 -2.88 12.60
CA ALA B 605 -4.57 -2.86 13.07
C ALA B 605 -3.63 -2.69 11.88
N VAL B 606 -2.55 -1.95 12.12
CA VAL B 606 -1.39 -1.94 11.23
C VAL B 606 -0.23 -2.50 12.02
N ILE B 607 0.60 -3.31 11.35
CA ILE B 607 1.79 -3.87 11.98
C ILE B 607 2.95 -3.66 11.02
N THR B 608 4.15 -3.63 11.56
CA THR B 608 5.35 -3.66 10.73
C THR B 608 5.93 -5.06 10.84
N ALA B 609 5.87 -5.80 9.74
CA ALA B 609 6.16 -7.22 9.72
C ALA B 609 7.33 -7.51 8.80
N LYS B 610 8.19 -8.44 9.22
CA LYS B 610 9.36 -8.83 8.42
C LYS B 610 8.90 -9.86 7.39
N VAL B 611 8.49 -9.37 6.21
CA VAL B 611 7.90 -10.22 5.17
C VAL B 611 8.99 -10.93 4.38
N MET B 612 8.71 -12.16 3.97
CA MET B 612 9.53 -12.96 3.05
C MET B 612 11.03 -12.87 3.37
N SER B 613 11.34 -13.13 4.64
CA SER B 613 12.70 -13.23 5.14
C SER B 613 13.47 -11.90 5.07
N ASN B 614 12.75 -10.79 4.93
CA ASN B 614 13.38 -9.49 5.10
C ASN B 614 13.85 -9.31 6.54
N THR B 615 14.99 -8.65 6.71
CA THR B 615 15.46 -8.33 8.06
C THR B 615 14.77 -7.12 8.65
N ASN B 616 14.22 -6.22 7.82
CA ASN B 616 13.47 -5.06 8.26
C ASN B 616 11.98 -5.32 8.11
N PRO B 617 11.15 -4.57 8.82
CA PRO B 617 9.70 -4.79 8.73
C PRO B 617 9.01 -3.81 7.80
N GLN B 618 7.98 -4.28 7.10
CA GLN B 618 7.19 -3.46 6.18
C GLN B 618 5.75 -3.37 6.69
N LEU B 619 4.99 -2.44 6.14
CA LEU B 619 3.66 -2.13 6.67
C LEU B 619 2.61 -3.11 6.13
N LEU B 620 1.88 -3.77 7.04
CA LEU B 620 0.72 -4.57 6.68
C LEU B 620 -0.46 -4.16 7.53
N ALA B 621 -1.67 -4.42 7.01
CA ALA B 621 -2.87 -3.96 7.69
C ALA B 621 -3.96 -5.01 7.60
N THR B 622 -4.87 -5.00 8.58
CA THR B 622 -6.07 -5.83 8.46
C THR B 622 -7.13 -5.25 9.38
N SER B 623 -8.39 -5.55 9.05
CA SER B 623 -9.51 -5.21 9.93
C SER B 623 -10.28 -6.47 10.26
N TRP B 624 -11.17 -6.37 11.25
CA TRP B 624 -12.01 -7.53 11.53
C TRP B 624 -13.27 -7.07 12.25
N TYR B 625 -14.30 -7.91 12.18
CA TYR B 625 -15.44 -7.77 13.08
C TYR B 625 -15.04 -8.29 14.46
N GLN B 626 -15.10 -7.41 15.46
CA GLN B 626 -14.67 -7.75 16.81
C GLN B 626 -15.89 -8.11 17.66
N TYR B 627 -15.91 -9.34 18.17
CA TYR B 627 -16.98 -9.80 19.05
C TYR B 627 -17.16 -8.84 20.21
N ASP B 628 -18.42 -8.51 20.48
CA ASP B 628 -18.76 -7.49 21.47
C ASP B 628 -20.02 -7.88 22.23
N LYS B 629 -20.34 -9.17 22.30
CA LYS B 629 -21.69 -9.64 22.61
C LYS B 629 -21.80 -10.14 24.04
N CYS B 630 -23.01 -10.01 24.58
CA CYS B 630 -23.33 -10.40 25.94
C CYS B 630 -23.53 -11.90 26.09
N HIS B 631 -23.20 -12.39 27.28
CA HIS B 631 -23.53 -13.74 27.73
C HIS B 631 -22.91 -14.83 26.87
C1 NAG C . -3.29 20.87 -18.84
C2 NAG C . -3.86 21.86 -19.86
C3 NAG C . -4.23 23.18 -19.17
C4 NAG C . -5.20 22.91 -18.02
C5 NAG C . -4.52 21.98 -17.02
C6 NAG C . -5.39 21.63 -15.85
C7 NAG C . -3.05 21.57 -22.16
C8 NAG C . -1.97 21.91 -23.14
N2 NAG C . -2.91 22.09 -20.93
O3 NAG C . -4.83 24.06 -20.13
O4 NAG C . -5.57 24.11 -17.35
O5 NAG C . -4.18 20.76 -17.69
O6 NAG C . -6.31 20.61 -16.19
O7 NAG C . -4.00 20.86 -22.46
#